data_2JSJ
#
_entry.id   2JSJ
#
_entity_poly.entity_id   1
_entity_poly.type   'polypeptide(L)'
_entity_poly.pdbx_seq_one_letter_code
;FNAPFDVGIKLSGAQYQQHGRAL(NH2)
;
_entity_poly.pdbx_strand_id   A
#
# COMPACT_ATOMS: atom_id res chain seq x y z
N PHE A 1 -10.90 6.67 8.28
CA PHE A 1 -9.70 7.21 8.87
C PHE A 1 -9.02 6.19 9.78
N ASN A 2 -8.74 5.03 9.21
CA ASN A 2 -8.08 3.97 9.95
C ASN A 2 -7.94 2.74 9.05
N ALA A 3 -6.80 2.64 8.40
CA ALA A 3 -6.52 1.53 7.51
C ALA A 3 -5.15 0.94 7.84
N PRO A 4 -5.10 0.22 8.99
CA PRO A 4 -3.86 -0.40 9.43
C PRO A 4 -3.53 -1.64 8.58
N PHE A 5 -4.55 -2.10 7.86
CA PHE A 5 -4.39 -3.28 7.01
C PHE A 5 -4.64 -2.93 5.55
N ASP A 6 -4.50 -3.94 4.70
CA ASP A 6 -4.70 -3.76 3.28
C ASP A 6 -5.84 -4.68 2.82
N VAL A 7 -6.37 -5.45 3.76
CA VAL A 7 -7.44 -6.36 3.47
C VAL A 7 -8.72 -5.58 3.18
N GLY A 8 -8.64 -4.75 2.16
CA GLY A 8 -9.78 -3.93 1.77
C GLY A 8 -9.32 -2.57 1.25
N ILE A 9 -8.30 -2.60 0.41
CA ILE A 9 -7.77 -1.38 -0.17
C ILE A 9 -8.42 -1.13 -1.53
N LYS A 10 -9.58 -1.73 -1.71
CA LYS A 10 -10.32 -1.57 -2.96
C LYS A 10 -9.34 -1.61 -4.13
N LEU A 11 -8.80 -2.79 -4.37
CA LEU A 11 -7.84 -2.97 -5.45
C LEU A 11 -6.49 -2.38 -5.03
N SER A 12 -6.36 -1.08 -5.24
CA SER A 12 -5.13 -0.39 -4.89
C SER A 12 -3.92 -1.27 -5.23
N GLY A 13 -4.09 -2.07 -6.27
CA GLY A 13 -3.02 -2.96 -6.71
C GLY A 13 -1.66 -2.29 -6.56
N ALA A 14 -1.66 -0.98 -6.71
CA ALA A 14 -0.42 -0.22 -6.61
C ALA A 14 0.40 -0.75 -5.45
N GLN A 15 0.16 -0.18 -4.28
CA GLN A 15 0.88 -0.59 -3.08
C GLN A 15 -0.06 -1.36 -2.14
N TYR A 16 0.18 -1.18 -0.85
CA TYR A 16 -0.62 -1.85 0.16
C TYR A 16 -1.15 -0.85 1.19
N GLN A 17 -0.28 0.08 1.56
CA GLN A 17 -0.64 1.09 2.54
C GLN A 17 -0.29 2.48 2.01
N GLN A 18 0.17 2.51 0.77
CA GLN A 18 0.54 3.77 0.13
C GLN A 18 1.23 4.69 1.14
N HIS A 19 2.33 4.19 1.69
CA HIS A 19 3.09 4.95 2.67
C HIS A 19 3.24 6.40 2.19
N GLY A 20 3.58 6.53 0.92
CA GLY A 20 3.75 7.84 0.32
C GLY A 20 5.06 7.91 -0.47
N ARG A 21 5.15 7.05 -1.48
CA ARG A 21 6.33 7.00 -2.32
C ARG A 21 7.60 7.14 -1.47
N ALA A 22 8.13 6.01 -1.06
CA ALA A 22 9.33 5.98 -0.24
C ALA A 22 9.81 4.54 -0.08
N LEU A 23 10.89 4.22 -0.77
CA LEU A 23 11.46 2.89 -0.71
C LEU A 23 10.33 1.86 -0.71
N PHE A 1 6.10 -11.31 8.23
CA PHE A 1 6.01 -12.71 7.86
C PHE A 1 5.50 -12.87 6.42
N ASN A 2 4.46 -12.12 6.11
CA ASN A 2 3.87 -12.16 4.79
C ASN A 2 3.97 -10.78 4.14
N ALA A 3 3.71 -9.76 4.94
CA ALA A 3 3.77 -8.39 4.45
C ALA A 3 3.53 -7.43 5.62
N PRO A 4 4.04 -6.18 5.45
CA PRO A 4 3.87 -5.17 6.48
C PRO A 4 2.44 -4.62 6.49
N PHE A 5 1.77 -4.78 5.36
CA PHE A 5 0.41 -4.31 5.22
C PHE A 5 -0.11 -4.52 3.80
N ASP A 6 -0.52 -5.76 3.54
CA ASP A 6 -1.03 -6.11 2.23
C ASP A 6 -1.58 -7.54 2.27
N VAL A 7 -2.23 -7.91 1.18
CA VAL A 7 -2.81 -9.25 1.07
C VAL A 7 -3.63 -9.54 2.33
N GLY A 8 -4.07 -8.47 2.98
CA GLY A 8 -4.86 -8.60 4.19
C GLY A 8 -5.48 -7.26 4.58
N ILE A 9 -5.97 -6.55 3.57
CA ILE A 9 -6.60 -5.26 3.80
C ILE A 9 -8.00 -5.48 4.37
N LYS A 10 -8.10 -5.33 5.68
CA LYS A 10 -9.38 -5.50 6.35
C LYS A 10 -9.70 -4.24 7.16
N LEU A 11 -9.27 -3.11 6.61
CA LEU A 11 -9.51 -1.83 7.27
C LEU A 11 -9.07 -0.70 6.33
N SER A 12 -7.79 -0.70 6.01
CA SER A 12 -7.24 0.31 5.12
C SER A 12 -8.12 0.47 3.89
N GLY A 13 -8.86 1.58 3.86
CA GLY A 13 -9.75 1.86 2.75
C GLY A 13 -9.03 2.67 1.67
N ALA A 14 -8.04 2.04 1.06
CA ALA A 14 -7.27 2.68 0.02
C ALA A 14 -6.37 1.65 -0.66
N GLN A 15 -5.11 1.64 -0.23
CA GLN A 15 -4.14 0.71 -0.79
C GLN A 15 -3.67 -0.27 0.29
N TYR A 16 -2.41 -0.66 0.18
CA TYR A 16 -1.83 -1.60 1.14
C TYR A 16 -0.53 -1.06 1.70
N GLN A 17 0.26 -0.45 0.82
CA GLN A 17 1.54 0.11 1.23
C GLN A 17 1.65 1.56 0.75
N GLN A 18 0.57 2.05 0.17
CA GLN A 18 0.53 3.41 -0.33
C GLN A 18 1.86 3.78 -0.98
N HIS A 19 2.36 2.85 -1.79
CA HIS A 19 3.62 3.06 -2.48
C HIS A 19 4.75 3.16 -1.45
N GLY A 20 4.84 4.34 -0.83
CA GLY A 20 5.87 4.58 0.17
C GLY A 20 6.78 5.74 -0.25
N ARG A 21 6.16 6.90 -0.45
CA ARG A 21 6.91 8.07 -0.85
C ARG A 21 8.29 8.08 -0.20
N ALA A 22 9.29 7.80 -1.03
CA ALA A 22 10.67 7.77 -0.55
C ALA A 22 10.72 7.07 0.80
N LEU A 23 10.90 5.76 0.74
CA LEU A 23 10.97 4.96 1.95
C LEU A 23 11.98 5.58 2.91
N PHE A 1 -3.32 3.80 16.55
CA PHE A 1 -4.17 3.16 15.55
C PHE A 1 -3.90 1.65 15.49
N ASN A 2 -4.50 1.02 14.49
CA ASN A 2 -4.33 -0.41 14.32
C ASN A 2 -2.85 -0.73 14.09
N ALA A 3 -2.23 0.05 13.24
CA ALA A 3 -0.82 -0.14 12.93
C ALA A 3 -0.36 0.97 11.97
N PRO A 4 0.99 1.09 11.84
CA PRO A 4 1.57 2.08 10.96
C PRO A 4 1.42 1.69 9.50
N PHE A 5 1.24 0.38 9.29
CA PHE A 5 1.08 -0.15 7.94
C PHE A 5 -0.30 -0.75 7.76
N ASP A 6 -0.47 -1.42 6.62
CA ASP A 6 -1.74 -2.05 6.30
C ASP A 6 -1.51 -3.54 6.00
N VAL A 7 -1.26 -3.82 4.73
CA VAL A 7 -1.02 -5.18 4.30
C VAL A 7 -1.99 -6.12 5.02
N GLY A 8 -3.20 -6.19 4.48
CA GLY A 8 -4.23 -7.03 5.06
C GLY A 8 -5.48 -6.22 5.40
N ILE A 9 -5.82 -5.30 4.50
CA ILE A 9 -6.99 -4.47 4.69
C ILE A 9 -7.70 -4.27 3.35
N LYS A 10 -8.48 -5.28 2.98
CA LYS A 10 -9.22 -5.24 1.73
C LYS A 10 -10.23 -4.10 1.78
N LEU A 11 -11.21 -4.19 0.89
CA LEU A 11 -12.26 -3.18 0.83
C LEU A 11 -12.65 -2.76 2.25
N SER A 12 -12.12 -1.61 2.66
CA SER A 12 -12.41 -1.09 3.98
C SER A 12 -11.33 -0.07 4.40
N GLY A 13 -10.16 -0.25 3.81
CA GLY A 13 -9.04 0.63 4.11
C GLY A 13 -8.72 1.53 2.90
N ALA A 14 -7.77 1.07 2.10
CA ALA A 14 -7.35 1.81 0.92
C ALA A 14 -6.40 0.94 0.09
N GLN A 15 -5.12 1.13 0.34
CA GLN A 15 -4.10 0.38 -0.37
C GLN A 15 -3.41 -0.60 0.57
N TYR A 16 -2.12 -0.82 0.32
CA TYR A 16 -1.34 -1.74 1.14
C TYR A 16 -0.05 -1.07 1.63
N GLN A 17 0.56 -0.31 0.73
CA GLN A 17 1.79 0.39 1.05
C GLN A 17 1.67 1.88 0.70
N GLN A 18 0.49 2.25 0.25
CA GLN A 18 0.23 3.62 -0.13
C GLN A 18 1.44 4.21 -0.88
N HIS A 19 1.74 3.59 -2.02
CA HIS A 19 2.86 4.02 -2.83
C HIS A 19 4.16 3.84 -2.05
N GLY A 20 4.40 4.76 -1.13
CA GLY A 20 5.61 4.70 -0.32
C GLY A 20 6.27 6.09 -0.23
N ARG A 21 6.55 6.65 -1.40
CA ARG A 21 7.17 7.96 -1.46
C ARG A 21 8.62 7.88 -0.98
N ALA A 22 8.77 7.63 0.32
CA ALA A 22 10.08 7.52 0.92
C ALA A 22 10.30 6.09 1.41
N LEU A 23 11.47 5.55 1.09
CA LEU A 23 11.81 4.20 1.49
C LEU A 23 13.21 4.20 2.11
N PHE A 1 7.50 -2.08 15.80
CA PHE A 1 8.63 -2.17 14.89
C PHE A 1 8.21 -1.84 13.46
N ASN A 2 7.24 -0.95 13.36
CA ASN A 2 6.74 -0.54 12.05
C ASN A 2 6.18 -1.77 11.32
N ALA A 3 7.08 -2.49 10.66
CA ALA A 3 6.69 -3.67 9.92
C ALA A 3 5.83 -3.26 8.73
N PRO A 4 5.82 -4.15 7.69
CA PRO A 4 5.04 -3.90 6.50
C PRO A 4 3.54 -4.13 6.75
N PHE A 5 2.89 -3.07 7.18
CA PHE A 5 1.46 -3.14 7.48
C PHE A 5 0.73 -3.96 6.41
N ASP A 6 0.38 -5.18 6.78
CA ASP A 6 -0.32 -6.07 5.86
C ASP A 6 -0.15 -7.51 6.35
N VAL A 7 -1.04 -7.91 7.25
CA VAL A 7 -1.00 -9.26 7.78
C VAL A 7 -2.06 -10.12 7.07
N GLY A 8 -1.79 -10.41 5.81
CA GLY A 8 -2.71 -11.22 5.02
C GLY A 8 -3.82 -10.36 4.43
N ILE A 9 -3.51 -9.09 4.22
CA ILE A 9 -4.47 -8.16 3.66
C ILE A 9 -4.16 -7.93 2.18
N LYS A 10 -5.14 -8.25 1.35
CA LYS A 10 -4.98 -8.09 -0.09
C LYS A 10 -6.00 -7.06 -0.59
N LEU A 11 -5.82 -5.82 -0.14
CA LEU A 11 -6.72 -4.74 -0.53
C LEU A 11 -8.09 -4.97 0.10
N SER A 12 -8.07 -5.31 1.38
CA SER A 12 -9.31 -5.56 2.10
C SER A 12 -9.62 -4.37 3.03
N GLY A 13 -8.65 -3.48 3.13
CA GLY A 13 -8.80 -2.30 3.98
C GLY A 13 -8.92 -1.03 3.14
N ALA A 14 -7.83 -0.70 2.47
CA ALA A 14 -7.81 0.48 1.63
C ALA A 14 -6.95 0.20 0.38
N GLN A 15 -5.68 0.55 0.49
CA GLN A 15 -4.76 0.34 -0.61
C GLN A 15 -3.67 -0.65 -0.22
N TYR A 16 -2.46 -0.36 -0.67
CA TYR A 16 -1.33 -1.23 -0.37
C TYR A 16 -0.12 -0.40 0.09
N GLN A 17 -0.05 -0.19 1.40
CA GLN A 17 1.04 0.57 1.98
C GLN A 17 1.16 1.94 1.29
N GLN A 18 0.09 2.31 0.59
CA GLN A 18 0.05 3.58 -0.11
C GLN A 18 1.42 3.87 -0.75
N HIS A 19 1.81 2.97 -1.63
CA HIS A 19 3.09 3.11 -2.32
C HIS A 19 4.24 3.03 -1.31
N GLY A 20 4.43 4.14 -0.60
CA GLY A 20 5.48 4.22 0.39
C GLY A 20 6.21 5.56 0.33
N ARG A 21 6.71 5.87 -0.86
CA ARG A 21 7.43 7.11 -1.07
C ARG A 21 8.31 7.43 0.14
N ALA A 22 9.04 6.42 0.58
CA ALA A 22 9.92 6.58 1.73
C ALA A 22 11.26 7.14 1.26
N LEU A 23 11.91 6.39 0.38
CA LEU A 23 13.20 6.80 -0.15
C LEU A 23 13.50 5.98 -1.41
N PHE A 1 10.56 -4.67 -12.31
CA PHE A 1 9.61 -4.46 -11.22
C PHE A 1 9.26 -5.79 -10.55
N ASN A 2 9.04 -5.71 -9.24
CA ASN A 2 8.69 -6.89 -8.47
C ASN A 2 7.44 -6.61 -7.64
N ALA A 3 7.44 -5.44 -7.02
CA ALA A 3 6.32 -5.04 -6.19
C ALA A 3 6.10 -6.07 -5.09
N PRO A 4 5.41 -5.62 -4.00
CA PRO A 4 5.13 -6.50 -2.88
C PRO A 4 4.01 -7.49 -3.22
N PHE A 5 3.88 -8.50 -2.37
CA PHE A 5 2.87 -9.52 -2.57
C PHE A 5 1.74 -9.38 -1.54
N ASP A 6 0.77 -8.56 -1.87
CA ASP A 6 -0.36 -8.33 -0.99
C ASP A 6 -1.65 -8.78 -1.69
N VAL A 7 -1.70 -10.07 -2.01
CA VAL A 7 -2.86 -10.64 -2.67
C VAL A 7 -3.72 -11.38 -1.65
N GLY A 8 -4.72 -10.68 -1.13
CA GLY A 8 -5.61 -11.26 -0.15
C GLY A 8 -5.15 -10.93 1.28
N ILE A 9 -4.79 -9.67 1.47
CA ILE A 9 -4.32 -9.22 2.77
C ILE A 9 -5.48 -9.29 3.77
N LYS A 10 -5.34 -10.23 4.70
CA LYS A 10 -6.36 -10.42 5.72
C LYS A 10 -5.92 -9.75 7.02
N LEU A 11 -5.64 -8.46 6.91
CA LEU A 11 -5.19 -7.69 8.07
C LEU A 11 -4.83 -6.28 7.63
N SER A 12 -4.26 -6.19 6.43
CA SER A 12 -3.86 -4.90 5.88
C SER A 12 -4.90 -4.43 4.87
N GLY A 13 -6.09 -4.98 4.97
CA GLY A 13 -7.17 -4.63 4.07
C GLY A 13 -7.56 -3.15 4.23
N ALA A 14 -6.71 -2.29 3.71
CA ALA A 14 -6.95 -0.86 3.78
C ALA A 14 -6.70 -0.22 2.41
N GLN A 15 -5.43 0.02 2.13
CA GLN A 15 -5.04 0.62 0.86
C GLN A 15 -4.19 -0.36 0.04
N TYR A 16 -3.19 0.19 -0.62
CA TYR A 16 -2.30 -0.62 -1.44
C TYR A 16 -0.84 -0.27 -1.17
N GLN A 17 -0.26 -0.97 -0.21
CA GLN A 17 1.12 -0.74 0.16
C GLN A 17 1.36 0.74 0.46
N GLN A 18 0.26 1.44 0.69
CA GLN A 18 0.33 2.85 1.00
C GLN A 18 1.40 3.53 0.14
N HIS A 19 1.22 3.40 -1.16
CA HIS A 19 2.16 4.00 -2.11
C HIS A 19 3.54 3.34 -1.94
N GLY A 20 4.23 3.78 -0.90
CA GLY A 20 5.56 3.24 -0.62
C GLY A 20 6.43 4.30 0.07
N ARG A 21 6.61 5.42 -0.61
CA ARG A 21 7.42 6.50 -0.08
C ARG A 21 8.88 6.08 0.00
N ALA A 22 9.76 7.02 -0.32
CA ALA A 22 11.19 6.76 -0.28
C ALA A 22 11.88 7.88 0.50
N LEU A 23 12.95 7.50 1.20
CA LEU A 23 13.70 8.46 1.98
C LEU A 23 15.08 8.67 1.34
N PHE A 1 3.94 0.59 10.81
CA PHE A 1 3.40 0.73 12.15
C PHE A 1 2.98 -0.63 12.71
N ASN A 2 2.12 -1.31 11.96
CA ASN A 2 1.64 -2.61 12.38
C ASN A 2 0.64 -3.14 11.33
N ALA A 3 1.18 -3.85 10.36
CA ALA A 3 0.36 -4.42 9.30
C ALA A 3 1.23 -5.23 8.36
N PRO A 4 1.82 -6.32 8.90
CA PRO A 4 2.68 -7.20 8.12
C PRO A 4 1.86 -8.06 7.16
N PHE A 5 1.12 -7.40 6.30
CA PHE A 5 0.29 -8.10 5.33
C PHE A 5 0.11 -7.27 4.06
N ASP A 6 1.24 -6.87 3.49
CA ASP A 6 1.22 -6.08 2.27
C ASP A 6 2.60 -5.49 2.03
N VAL A 7 3.38 -6.19 1.22
CA VAL A 7 4.73 -5.75 0.91
C VAL A 7 4.98 -5.93 -0.59
N GLY A 8 3.90 -6.17 -1.31
CA GLY A 8 3.99 -6.35 -2.75
C GLY A 8 4.31 -7.81 -3.09
N ILE A 9 5.26 -8.36 -2.35
CA ILE A 9 5.67 -9.75 -2.56
C ILE A 9 6.11 -9.92 -4.02
N LYS A 10 7.42 -10.02 -4.20
CA LYS A 10 7.97 -10.20 -5.54
C LYS A 10 7.64 -8.97 -6.39
N LEU A 11 8.68 -8.35 -6.91
CA LEU A 11 8.51 -7.16 -7.74
C LEU A 11 7.59 -6.18 -7.03
N SER A 12 8.04 -5.73 -5.86
CA SER A 12 7.27 -4.78 -5.07
C SER A 12 7.58 -3.35 -5.53
N GLY A 13 6.65 -2.79 -6.28
CA GLY A 13 6.80 -1.45 -6.78
C GLY A 13 6.17 -0.42 -5.83
N ALA A 14 5.13 -0.87 -5.14
CA ALA A 14 4.44 -0.01 -4.19
C ALA A 14 3.06 -0.60 -3.89
N GLN A 15 2.81 -0.82 -2.61
CA GLN A 15 1.54 -1.38 -2.17
C GLN A 15 0.39 -0.47 -2.59
N TYR A 16 -0.46 -0.15 -1.63
CA TYR A 16 -1.62 0.71 -1.88
C TYR A 16 -1.77 1.75 -0.78
N GLN A 17 -1.58 1.30 0.45
CA GLN A 17 -1.70 2.19 1.60
C GLN A 17 -0.35 2.31 2.32
N GLN A 18 0.65 1.68 1.73
CA GLN A 18 1.99 1.70 2.30
C GLN A 18 2.58 3.11 2.19
N HIS A 19 1.91 4.05 2.83
CA HIS A 19 2.37 5.43 2.81
C HIS A 19 2.31 5.97 1.38
N GLY A 20 3.30 5.59 0.60
CA GLY A 20 3.38 6.02 -0.79
C GLY A 20 4.84 6.16 -1.24
N ARG A 21 5.42 5.03 -1.62
CA ARG A 21 6.80 5.02 -2.08
C ARG A 21 7.68 5.79 -1.10
N ALA A 22 8.23 5.05 -0.14
CA ALA A 22 9.10 5.65 0.86
C ALA A 22 10.34 6.23 0.18
N LEU A 23 11.08 5.34 -0.48
CA LEU A 23 12.29 5.75 -1.18
C LEU A 23 12.01 7.05 -1.93
N PHE A 1 12.08 1.81 -0.42
CA PHE A 1 11.95 0.36 -0.44
C PHE A 1 13.02 -0.30 0.42
N ASN A 2 12.69 -0.47 1.69
CA ASN A 2 13.62 -1.08 2.64
C ASN A 2 12.84 -2.00 3.58
N ALA A 3 12.74 -3.26 3.17
CA ALA A 3 12.03 -4.24 3.98
C ALA A 3 10.74 -3.62 4.53
N PRO A 4 9.80 -3.30 3.59
CA PRO A 4 8.54 -2.70 3.97
C PRO A 4 7.61 -3.74 4.60
N PHE A 5 7.88 -5.00 4.29
CA PHE A 5 7.07 -6.09 4.82
C PHE A 5 5.60 -5.72 4.82
N ASP A 6 4.94 -6.03 3.70
CA ASP A 6 3.52 -5.74 3.56
C ASP A 6 2.82 -6.94 2.93
N VAL A 7 3.02 -8.10 3.53
CA VAL A 7 2.42 -9.32 3.03
C VAL A 7 1.39 -9.83 4.05
N GLY A 8 0.21 -9.25 3.99
CA GLY A 8 -0.86 -9.63 4.89
C GLY A 8 -1.82 -8.47 5.13
N ILE A 9 -1.26 -7.29 5.26
CA ILE A 9 -2.05 -6.09 5.49
C ILE A 9 -3.19 -6.04 4.47
N LYS A 10 -4.36 -6.44 4.93
CA LYS A 10 -5.53 -6.45 4.07
C LYS A 10 -6.26 -5.10 4.19
N LEU A 11 -7.57 -5.15 4.02
CA LEU A 11 -8.39 -3.95 4.10
C LEU A 11 -8.31 -3.40 5.53
N SER A 12 -7.90 -4.25 6.45
CA SER A 12 -7.78 -3.86 7.85
C SER A 12 -6.62 -2.89 8.02
N GLY A 13 -5.87 -2.71 6.93
CA GLY A 13 -4.73 -1.80 6.96
C GLY A 13 -5.13 -0.42 6.45
N ALA A 14 -5.27 -0.31 5.14
CA ALA A 14 -5.65 0.94 4.52
C ALA A 14 -5.75 0.75 3.01
N GLN A 15 -4.61 0.86 2.34
CA GLN A 15 -4.56 0.70 0.90
C GLN A 15 -3.70 -0.50 0.53
N TYR A 16 -2.93 -0.33 -0.54
CA TYR A 16 -2.06 -1.39 -1.01
C TYR A 16 -0.66 -0.86 -1.32
N GLN A 17 0.18 -0.88 -0.30
CA GLN A 17 1.55 -0.41 -0.44
C GLN A 17 1.56 1.01 -1.02
N GLN A 18 0.40 1.66 -0.93
CA GLN A 18 0.26 3.02 -1.43
C GLN A 18 0.93 4.00 -0.47
N HIS A 19 1.50 3.46 0.58
CA HIS A 19 2.18 4.28 1.57
C HIS A 19 3.02 5.35 0.87
N GLY A 20 3.64 4.94 -0.22
CA GLY A 20 4.48 5.85 -0.99
C GLY A 20 5.91 5.33 -1.09
N ARG A 21 6.44 4.90 0.05
CA ARG A 21 7.78 4.37 0.11
C ARG A 21 8.76 5.36 -0.53
N ALA A 22 9.47 6.09 0.33
CA ALA A 22 10.44 7.06 -0.13
C ALA A 22 11.74 6.91 0.66
N LEU A 23 12.75 7.64 0.23
CA LEU A 23 14.04 7.59 0.90
C LEU A 23 14.19 8.81 1.80
N PHE A 1 5.78 -5.45 -6.28
CA PHE A 1 5.20 -6.64 -5.70
C PHE A 1 6.29 -7.65 -5.31
N ASN A 2 6.44 -7.84 -4.00
CA ASN A 2 7.44 -8.76 -3.49
C ASN A 2 7.27 -8.88 -1.98
N ALA A 3 7.01 -7.75 -1.34
CA ALA A 3 6.83 -7.72 0.09
C ALA A 3 5.36 -7.95 0.43
N PRO A 4 5.12 -8.38 1.70
CA PRO A 4 3.76 -8.64 2.15
C PRO A 4 3.01 -7.34 2.42
N PHE A 5 3.12 -6.88 3.66
CA PHE A 5 2.47 -5.65 4.06
C PHE A 5 1.09 -5.52 3.40
N ASP A 6 0.12 -6.22 3.98
CA ASP A 6 -1.23 -6.20 3.47
C ASP A 6 -1.27 -6.91 2.11
N VAL A 7 -1.52 -8.21 2.17
CA VAL A 7 -1.58 -9.00 0.95
C VAL A 7 -3.00 -8.95 0.38
N GLY A 8 -3.37 -7.75 -0.08
CA GLY A 8 -4.69 -7.55 -0.64
C GLY A 8 -5.75 -8.35 0.12
N ILE A 9 -5.57 -8.38 1.44
CA ILE A 9 -6.50 -9.11 2.30
C ILE A 9 -7.93 -8.86 1.81
N LYS A 10 -8.43 -9.83 1.06
CA LYS A 10 -9.78 -9.73 0.52
C LYS A 10 -10.73 -9.26 1.63
N LEU A 11 -11.02 -7.97 1.61
CA LEU A 11 -11.91 -7.38 2.60
C LEU A 11 -11.16 -7.23 3.92
N SER A 12 -10.29 -6.22 3.97
CA SER A 12 -9.52 -5.95 5.16
C SER A 12 -8.27 -5.13 4.80
N GLY A 13 -7.86 -5.27 3.54
CA GLY A 13 -6.69 -4.56 3.07
C GLY A 13 -7.09 -3.25 2.37
N ALA A 14 -6.53 -3.04 1.20
CA ALA A 14 -6.82 -1.84 0.43
C ALA A 14 -5.78 -1.69 -0.67
N GLN A 15 -4.71 -0.96 -0.35
CA GLN A 15 -3.64 -0.73 -1.30
C GLN A 15 -2.33 -1.36 -0.79
N TYR A 16 -1.24 -0.65 -1.02
CA TYR A 16 0.07 -1.12 -0.59
C TYR A 16 0.85 -0.01 0.11
N GLN A 17 0.67 0.06 1.43
CA GLN A 17 1.36 1.06 2.22
C GLN A 17 1.09 2.46 1.66
N GLN A 18 0.05 2.53 0.82
CA GLN A 18 -0.31 3.80 0.21
C GLN A 18 0.94 4.58 -0.19
N HIS A 19 1.75 3.94 -1.03
CA HIS A 19 2.98 4.57 -1.50
C HIS A 19 3.92 4.79 -0.32
N GLY A 20 3.63 5.83 0.44
CA GLY A 20 4.44 6.17 1.60
C GLY A 20 5.89 6.40 1.20
N ARG A 21 6.08 7.27 0.22
CA ARG A 21 7.41 7.59 -0.27
C ARG A 21 8.10 6.31 -0.79
N ALA A 22 9.22 6.52 -1.46
CA ALA A 22 9.99 5.41 -2.01
C ALA A 22 11.17 5.11 -1.09
N LEU A 23 10.84 4.67 0.12
CA LEU A 23 11.86 4.35 1.10
C LEU A 23 12.54 3.04 0.69
N PHE A 1 -6.01 4.28 -2.71
CA PHE A 1 -7.10 4.49 -3.66
C PHE A 1 -7.28 3.27 -4.56
N ASN A 2 -8.32 3.32 -5.38
CA ASN A 2 -8.62 2.23 -6.29
C ASN A 2 -7.74 2.35 -7.53
N ALA A 3 -6.45 2.12 -7.34
CA ALA A 3 -5.50 2.20 -8.43
C ALA A 3 -5.30 0.81 -9.03
N PRO A 4 -4.86 0.79 -10.32
CA PRO A 4 -4.63 -0.47 -11.01
C PRO A 4 -3.34 -1.13 -10.53
N PHE A 5 -3.25 -2.43 -10.76
CA PHE A 5 -2.09 -3.19 -10.35
C PHE A 5 -1.97 -3.26 -8.82
N ASP A 6 -3.02 -2.79 -8.16
CA ASP A 6 -3.07 -2.80 -6.71
C ASP A 6 -4.45 -3.23 -6.24
N VAL A 7 -4.70 -3.01 -4.96
CA VAL A 7 -5.99 -3.36 -4.37
C VAL A 7 -6.41 -4.74 -4.89
N GLY A 8 -5.58 -5.73 -4.60
CA GLY A 8 -5.86 -7.09 -5.03
C GLY A 8 -4.60 -7.97 -4.91
N ILE A 9 -3.46 -7.33 -5.05
CA ILE A 9 -2.19 -8.04 -4.97
C ILE A 9 -2.07 -8.67 -3.58
N LYS A 10 -2.61 -9.88 -3.47
CA LYS A 10 -2.57 -10.60 -2.21
C LYS A 10 -1.31 -11.45 -2.16
N LEU A 11 -0.74 -11.57 -0.97
CA LEU A 11 0.48 -12.34 -0.78
C LEU A 11 1.46 -12.03 -1.90
N SER A 12 2.14 -10.89 -1.75
CA SER A 12 3.11 -10.47 -2.74
C SER A 12 3.34 -8.96 -2.64
N GLY A 13 2.34 -8.28 -2.12
CA GLY A 13 2.42 -6.83 -1.97
C GLY A 13 2.51 -6.46 -0.48
N ALA A 14 1.49 -5.75 -0.01
CA ALA A 14 1.45 -5.32 1.37
C ALA A 14 0.11 -4.62 1.64
N GLN A 15 0.07 -3.34 1.32
CA GLN A 15 -1.14 -2.55 1.52
C GLN A 15 -1.68 -2.05 0.17
N TYR A 16 -2.17 -0.82 0.19
CA TYR A 16 -2.72 -0.23 -1.01
C TYR A 16 -2.18 1.19 -1.21
N GLN A 17 -1.06 1.28 -1.92
CA GLN A 17 -0.45 2.56 -2.19
C GLN A 17 -0.22 3.33 -0.89
N GLN A 18 -0.28 2.60 0.21
CA GLN A 18 -0.09 3.19 1.52
C GLN A 18 1.39 3.50 1.76
N HIS A 19 2.19 3.18 0.76
CA HIS A 19 3.62 3.42 0.84
C HIS A 19 3.92 4.88 0.45
N GLY A 20 4.08 5.09 -0.85
CA GLY A 20 4.37 6.41 -1.36
C GLY A 20 5.87 6.69 -1.32
N ARG A 21 6.63 5.78 -1.91
CA ARG A 21 8.07 5.92 -1.95
C ARG A 21 8.67 5.64 -0.58
N ALA A 22 9.74 4.86 -0.58
CA ALA A 22 10.41 4.51 0.66
C ALA A 22 10.75 5.80 1.43
N LEU A 23 11.62 6.59 0.83
CA LEU A 23 12.04 7.85 1.44
C LEU A 23 12.32 7.61 2.93
N PHE A 1 6.62 -15.91 -9.24
CA PHE A 1 5.34 -16.16 -9.88
C PHE A 1 4.44 -14.93 -9.81
N ASN A 2 4.18 -14.49 -8.58
CA ASN A 2 3.33 -13.33 -8.37
C ASN A 2 2.98 -13.23 -6.88
N ALA A 3 3.30 -12.09 -6.30
CA ALA A 3 3.03 -11.86 -4.89
C ALA A 3 2.94 -10.36 -4.63
N PRO A 4 1.90 -9.72 -5.25
CA PRO A 4 1.70 -8.30 -5.09
C PRO A 4 1.12 -7.98 -3.71
N PHE A 5 0.47 -8.97 -3.13
CA PHE A 5 -0.13 -8.82 -1.82
C PHE A 5 -0.96 -7.53 -1.75
N ASP A 6 -2.15 -7.59 -2.32
CA ASP A 6 -3.04 -6.44 -2.34
C ASP A 6 -4.03 -6.59 -3.48
N VAL A 7 -3.62 -7.34 -4.50
CA VAL A 7 -4.46 -7.57 -5.66
C VAL A 7 -5.64 -8.46 -5.27
N GLY A 8 -6.42 -7.98 -4.32
CA GLY A 8 -7.57 -8.73 -3.85
C GLY A 8 -7.81 -8.48 -2.36
N ILE A 9 -7.74 -7.21 -1.98
CA ILE A 9 -7.95 -6.83 -0.59
C ILE A 9 -9.36 -6.30 -0.42
N LYS A 10 -10.32 -7.22 -0.45
CA LYS A 10 -11.71 -6.85 -0.30
C LYS A 10 -12.07 -6.80 1.19
N LEU A 11 -11.67 -5.71 1.83
CA LEU A 11 -11.93 -5.52 3.25
C LEU A 11 -11.18 -6.58 4.04
N SER A 12 -10.10 -6.15 4.68
CA SER A 12 -9.29 -7.05 5.48
C SER A 12 -7.89 -6.46 5.67
N GLY A 13 -7.51 -5.63 4.72
CA GLY A 13 -6.19 -5.00 4.75
C GLY A 13 -6.31 -3.52 5.13
N ALA A 14 -6.21 -2.67 4.12
CA ALA A 14 -6.29 -1.24 4.32
C ALA A 14 -6.22 -0.53 2.98
N GLN A 15 -4.99 -0.23 2.56
CA GLN A 15 -4.78 0.44 1.29
C GLN A 15 -3.99 -0.46 0.33
N TYR A 16 -3.09 0.16 -0.41
CA TYR A 16 -2.27 -0.58 -1.36
C TYR A 16 -0.80 -0.18 -1.24
N GLN A 17 -0.09 -0.90 -0.38
CA GLN A 17 1.32 -0.63 -0.16
C GLN A 17 1.53 0.83 0.20
N GLN A 18 0.44 1.47 0.59
CA GLN A 18 0.50 2.88 0.97
C GLN A 18 1.43 3.65 0.03
N HIS A 19 1.10 3.59 -1.25
CA HIS A 19 1.90 4.27 -2.26
C HIS A 19 3.30 3.66 -2.31
N GLY A 20 4.11 4.05 -1.33
CA GLY A 20 5.48 3.55 -1.25
C GLY A 20 6.30 4.39 -0.28
N ARG A 21 6.51 5.64 -0.65
CA ARG A 21 7.29 6.55 0.16
C ARG A 21 8.72 6.03 0.33
N ALA A 22 9.66 6.83 -0.17
CA ALA A 22 11.07 6.46 -0.08
C ALA A 22 11.84 7.59 0.62
N LEU A 23 12.81 7.17 1.42
CA LEU A 23 13.62 8.13 2.15
C LEU A 23 15.07 7.62 2.21
N PHE A 1 -9.78 14.15 10.17
CA PHE A 1 -8.60 14.21 11.02
C PHE A 1 -8.07 12.81 11.33
N ASN A 2 -9.01 11.91 11.60
CA ASN A 2 -8.66 10.53 11.92
C ASN A 2 -7.56 10.06 10.97
N ALA A 3 -7.73 10.41 9.70
CA ALA A 3 -6.76 10.03 8.69
C ALA A 3 -6.29 8.59 8.95
N PRO A 4 -7.15 7.63 8.53
CA PRO A 4 -6.83 6.22 8.70
C PRO A 4 -5.78 5.76 7.70
N PHE A 5 -5.47 4.47 7.76
CA PHE A 5 -4.48 3.90 6.87
C PHE A 5 -5.09 2.77 6.03
N ASP A 6 -6.36 2.52 6.27
CA ASP A 6 -7.07 1.49 5.53
C ASP A 6 -8.33 1.09 6.31
N VAL A 7 -9.36 1.91 6.16
CA VAL A 7 -10.63 1.68 6.84
C VAL A 7 -11.71 1.41 5.79
N GLY A 8 -11.33 0.66 4.76
CA GLY A 8 -12.26 0.33 3.69
C GLY A 8 -11.98 1.17 2.44
N ILE A 9 -10.88 1.91 2.49
CA ILE A 9 -10.48 2.75 1.38
C ILE A 9 -10.75 2.01 0.06
N LYS A 10 -11.85 2.36 -0.58
CA LYS A 10 -12.22 1.74 -1.83
C LYS A 10 -12.08 2.77 -2.96
N LEU A 11 -11.14 3.68 -2.78
CA LEU A 11 -10.90 4.71 -3.77
C LEU A 11 -9.41 5.07 -3.78
N SER A 12 -8.61 4.12 -3.32
CA SER A 12 -7.17 4.32 -3.27
C SER A 12 -6.52 3.70 -4.51
N GLY A 13 -6.06 4.57 -5.40
CA GLY A 13 -5.43 4.12 -6.62
C GLY A 13 -3.93 4.44 -6.60
N ALA A 14 -3.21 3.70 -5.75
CA ALA A 14 -1.78 3.88 -5.63
C ALA A 14 -1.12 2.53 -5.36
N GLN A 15 -0.82 2.29 -4.09
CA GLN A 15 -0.20 1.05 -3.68
C GLN A 15 -1.12 0.26 -2.75
N TYR A 16 -0.51 -0.34 -1.74
CA TYR A 16 -1.27 -1.13 -0.77
C TYR A 16 -0.85 -0.79 0.66
N GLN A 17 -1.53 0.19 1.21
CA GLN A 17 -1.24 0.62 2.58
C GLN A 17 0.25 0.94 2.73
N GLN A 18 0.90 1.13 1.58
CA GLN A 18 2.32 1.44 1.57
C GLN A 18 2.54 2.92 1.92
N HIS A 19 1.44 3.59 2.23
CA HIS A 19 1.50 5.00 2.58
C HIS A 19 1.99 5.80 1.38
N GLY A 20 3.29 5.75 1.16
CA GLY A 20 3.90 6.47 0.05
C GLY A 20 4.89 5.59 -0.70
N ARG A 21 6.10 5.52 -0.15
CA ARG A 21 7.15 4.72 -0.75
C ARG A 21 8.52 5.23 -0.31
N ALA A 22 8.60 6.55 -0.14
CA ALA A 22 9.85 7.17 0.28
C ALA A 22 10.84 7.13 -0.88
N LEU A 23 11.19 5.92 -1.28
CA LEU A 23 12.13 5.73 -2.38
C LEU A 23 11.63 6.49 -3.61
N PHE A 1 10.59 -9.13 5.10
CA PHE A 1 9.98 -7.82 5.16
C PHE A 1 8.56 -7.89 5.72
N ASN A 2 7.72 -8.65 5.02
CA ASN A 2 6.34 -8.82 5.44
C ASN A 2 5.60 -9.66 4.41
N ALA A 3 4.75 -10.55 4.93
CA ALA A 3 3.99 -11.43 4.06
C ALA A 3 3.12 -10.59 3.12
N PRO A 4 2.59 -11.27 2.07
CA PRO A 4 1.76 -10.59 1.08
C PRO A 4 0.36 -10.32 1.65
N PHE A 5 0.04 -9.04 1.75
CA PHE A 5 -1.25 -8.63 2.28
C PHE A 5 -1.69 -7.29 1.67
N ASP A 6 -1.79 -7.29 0.34
CA ASP A 6 -2.20 -6.09 -0.36
C ASP A 6 -2.71 -6.47 -1.75
N VAL A 7 -3.04 -5.45 -2.53
CA VAL A 7 -3.54 -5.66 -3.88
C VAL A 7 -4.61 -6.76 -3.86
N GLY A 8 -5.24 -6.90 -2.70
CA GLY A 8 -6.29 -7.89 -2.53
C GLY A 8 -7.20 -7.54 -1.36
N ILE A 9 -7.25 -6.25 -1.06
CA ILE A 9 -8.08 -5.78 0.03
C ILE A 9 -8.57 -4.36 -0.29
N LYS A 10 -9.87 -4.17 -0.15
CA LYS A 10 -10.48 -2.88 -0.41
C LYS A 10 -10.11 -1.90 0.71
N LEU A 11 -8.81 -1.69 0.86
CA LEU A 11 -8.31 -0.79 1.88
C LEU A 11 -8.59 -1.40 3.26
N SER A 12 -9.86 -1.43 3.62
CA SER A 12 -10.27 -1.98 4.90
C SER A 12 -9.33 -1.47 6.00
N GLY A 13 -8.40 -2.33 6.39
CA GLY A 13 -7.44 -1.99 7.43
C GLY A 13 -6.01 -1.98 6.87
N ALA A 14 -5.87 -1.43 5.67
CA ALA A 14 -4.57 -1.35 5.03
C ALA A 14 -4.77 -1.12 3.53
N GLN A 15 -4.08 -0.11 3.04
CA GLN A 15 -4.17 0.24 1.62
C GLN A 15 -3.69 -0.93 0.76
N TYR A 16 -2.92 -0.60 -0.26
CA TYR A 16 -2.40 -1.62 -1.15
C TYR A 16 -0.90 -1.44 -1.38
N GLN A 17 -0.49 -0.18 -1.49
CA GLN A 17 0.91 0.14 -1.70
C GLN A 17 1.36 1.21 -0.70
N GLN A 18 0.46 1.55 0.21
CA GLN A 18 0.75 2.55 1.22
C GLN A 18 1.58 3.69 0.61
N HIS A 19 0.98 4.39 -0.32
CA HIS A 19 1.64 5.50 -0.97
C HIS A 19 2.84 4.99 -1.77
N GLY A 20 3.91 4.71 -1.04
CA GLY A 20 5.13 4.21 -1.65
C GLY A 20 6.33 4.41 -0.74
N ARG A 21 6.56 5.67 -0.37
CA ARG A 21 7.66 6.01 0.50
C ARG A 21 8.99 5.69 -0.18
N ALA A 22 9.93 6.62 -0.05
CA ALA A 22 11.24 6.45 -0.65
C ALA A 22 12.27 7.27 0.14
N LEU A 23 12.42 6.90 1.41
CA LEU A 23 13.36 7.60 2.28
C LEU A 23 14.78 7.12 1.96
N PHE A 1 3.46 -6.01 9.30
CA PHE A 1 3.29 -4.65 8.79
C PHE A 1 2.53 -4.64 7.47
N ASN A 2 2.83 -5.63 6.65
CA ASN A 2 2.18 -5.76 5.35
C ASN A 2 0.99 -6.70 5.47
N ALA A 3 -0.15 -6.13 5.83
CA ALA A 3 -1.37 -6.91 5.98
C ALA A 3 -2.42 -6.08 6.73
N PRO A 4 -2.00 -5.57 7.92
CA PRO A 4 -2.89 -4.75 8.74
C PRO A 4 -3.04 -3.35 8.15
N PHE A 5 -3.88 -2.56 8.80
CA PHE A 5 -4.12 -1.20 8.36
C PHE A 5 -4.65 -1.17 6.92
N ASP A 6 -5.97 -1.11 6.81
CA ASP A 6 -6.60 -1.08 5.50
C ASP A 6 -8.04 -1.61 5.62
N VAL A 7 -8.24 -2.41 6.65
CA VAL A 7 -9.56 -2.98 6.90
C VAL A 7 -10.38 -2.02 7.75
N GLY A 8 -9.87 -0.81 7.88
CA GLY A 8 -10.54 0.21 8.66
C GLY A 8 -9.95 1.60 8.38
N ILE A 9 -9.48 1.76 7.15
CA ILE A 9 -8.90 3.03 6.74
C ILE A 9 -9.83 3.72 5.75
N LYS A 10 -10.39 4.83 6.19
CA LYS A 10 -11.30 5.60 5.36
C LYS A 10 -10.54 6.73 4.69
N LEU A 11 -10.77 6.87 3.39
CA LEU A 11 -10.11 7.90 2.61
C LEU A 11 -8.64 7.98 3.01
N SER A 12 -7.97 6.84 2.88
CA SER A 12 -6.55 6.76 3.22
C SER A 12 -5.96 5.46 2.66
N GLY A 13 -6.50 5.04 1.54
CA GLY A 13 -6.03 3.82 0.90
C GLY A 13 -5.04 4.14 -0.22
N ALA A 14 -5.55 4.17 -1.44
CA ALA A 14 -4.73 4.46 -2.60
C ALA A 14 -4.05 3.17 -3.07
N GLN A 15 -3.16 2.67 -2.22
CA GLN A 15 -2.44 1.44 -2.53
C GLN A 15 -2.56 0.45 -1.38
N TYR A 16 -1.44 -0.20 -1.08
CA TYR A 16 -1.40 -1.18 -0.01
C TYR A 16 -0.17 -0.99 0.87
N GLN A 17 -0.33 -0.19 1.90
CA GLN A 17 0.76 0.09 2.83
C GLN A 17 2.00 0.55 2.05
N GLN A 18 1.77 0.97 0.82
CA GLN A 18 2.85 1.43 -0.03
C GLN A 18 3.30 2.82 0.40
N HIS A 19 2.66 3.33 1.44
CA HIS A 19 2.98 4.64 1.96
C HIS A 19 2.68 5.71 0.90
N GLY A 20 3.59 5.81 -0.06
CA GLY A 20 3.43 6.77 -1.12
C GLY A 20 4.53 6.60 -2.19
N ARG A 21 5.76 6.70 -1.73
CA ARG A 21 6.90 6.56 -2.62
C ARG A 21 8.13 7.29 -2.04
N ALA A 22 8.90 6.54 -1.26
CA ALA A 22 10.09 7.10 -0.65
C ALA A 22 10.91 5.97 -0.02
N LEU A 23 10.30 5.32 0.96
CA LEU A 23 10.96 4.22 1.65
C LEU A 23 10.65 2.91 0.92
N PHE A 1 7.71 -16.14 2.58
CA PHE A 1 7.00 -16.71 1.45
C PHE A 1 6.00 -15.70 0.87
N ASN A 2 6.28 -15.29 -0.36
CA ASN A 2 5.41 -14.33 -1.03
C ASN A 2 5.11 -14.84 -2.44
N ALA A 3 4.84 -13.89 -3.33
CA ALA A 3 4.54 -14.22 -4.72
C ALA A 3 3.90 -13.01 -5.40
N PRO A 4 2.82 -12.49 -4.75
CA PRO A 4 2.12 -11.33 -5.28
C PRO A 4 2.91 -10.05 -5.06
N PHE A 5 2.67 -9.42 -3.91
CA PHE A 5 3.36 -8.19 -3.57
C PHE A 5 2.61 -7.44 -2.46
N ASP A 6 1.31 -7.69 -2.40
CA ASP A 6 0.48 -7.04 -1.40
C ASP A 6 -0.77 -7.88 -1.17
N VAL A 7 -1.81 -7.23 -0.68
CA VAL A 7 -3.07 -7.90 -0.41
C VAL A 7 -2.94 -8.71 0.88
N GLY A 8 -1.86 -8.45 1.60
CA GLY A 8 -1.62 -9.14 2.85
C GLY A 8 -0.45 -8.50 3.61
N ILE A 9 -0.33 -7.19 3.45
CA ILE A 9 0.72 -6.44 4.12
C ILE A 9 0.25 -6.04 5.52
N LYS A 10 0.40 -6.97 6.44
CA LYS A 10 -0.01 -6.71 7.82
C LYS A 10 -1.42 -6.14 7.84
N LEU A 11 -1.78 -5.54 8.96
CA LEU A 11 -3.10 -4.95 9.12
C LEU A 11 -3.20 -3.71 8.23
N SER A 12 -3.14 -3.95 6.92
CA SER A 12 -3.22 -2.87 5.96
C SER A 12 -4.69 -2.56 5.66
N GLY A 13 -5.16 -1.47 6.25
CA GLY A 13 -6.53 -1.04 6.06
C GLY A 13 -6.60 0.27 5.28
N ALA A 14 -6.46 0.15 3.96
CA ALA A 14 -6.50 1.32 3.10
C ALA A 14 -6.18 0.90 1.66
N GLN A 15 -4.91 1.02 1.31
CA GLN A 15 -4.46 0.65 -0.02
C GLN A 15 -3.48 -0.52 0.05
N TYR A 16 -2.46 -0.44 -0.79
CA TYR A 16 -1.44 -1.48 -0.84
C TYR A 16 -0.04 -0.88 -0.85
N GLN A 17 0.50 -0.68 0.34
CA GLN A 17 1.83 -0.11 0.48
C GLN A 17 1.93 1.20 -0.30
N GLN A 18 0.76 1.75 -0.62
CA GLN A 18 0.71 3.00 -1.36
C GLN A 18 1.06 4.17 -0.45
N HIS A 19 1.35 3.84 0.80
CA HIS A 19 1.70 4.86 1.78
C HIS A 19 2.63 5.90 1.14
N GLY A 20 3.59 5.40 0.37
CA GLY A 20 4.53 6.26 -0.31
C GLY A 20 5.97 5.81 -0.04
N ARG A 21 6.48 4.98 -0.94
CA ARG A 21 7.83 4.47 -0.81
C ARG A 21 8.74 5.54 -0.21
N ALA A 22 9.49 5.14 0.80
CA ALA A 22 10.40 6.05 1.46
C ALA A 22 11.71 6.12 0.68
N LEU A 23 11.84 7.18 -0.12
CA LEU A 23 13.02 7.37 -0.93
C LEU A 23 14.27 7.20 -0.05
N PHE A 1 -16.04 -1.36 -5.72
CA PHE A 1 -14.78 -0.72 -5.37
C PHE A 1 -14.62 -0.62 -3.86
N ASN A 2 -13.89 -1.58 -3.31
CA ASN A 2 -13.66 -1.62 -1.87
C ASN A 2 -12.26 -1.07 -1.58
N ALA A 3 -11.34 -1.37 -2.47
CA ALA A 3 -9.96 -0.92 -2.32
C ALA A 3 -9.17 -1.29 -3.56
N PRO A 4 -7.98 -0.63 -3.72
CA PRO A 4 -7.12 -0.89 -4.85
C PRO A 4 -6.39 -2.23 -4.69
N PHE A 5 -5.54 -2.52 -5.68
CA PHE A 5 -4.79 -3.76 -5.65
C PHE A 5 -3.31 -3.50 -5.34
N ASP A 6 -2.48 -4.48 -5.66
CA ASP A 6 -1.05 -4.36 -5.41
C ASP A 6 -0.33 -5.55 -6.06
N VAL A 7 0.10 -5.33 -7.30
CA VAL A 7 0.80 -6.37 -8.04
C VAL A 7 2.30 -6.30 -7.71
N GLY A 8 2.70 -7.09 -6.73
CA GLY A 8 4.09 -7.13 -6.32
C GLY A 8 4.27 -6.51 -4.93
N ILE A 9 3.43 -6.96 -4.01
CA ILE A 9 3.48 -6.45 -2.65
C ILE A 9 4.45 -7.32 -1.82
N LYS A 10 4.41 -7.12 -0.52
CA LYS A 10 5.28 -7.87 0.38
C LYS A 10 6.73 -7.54 0.06
N LEU A 11 7.46 -7.16 1.10
CA LEU A 11 8.87 -6.82 0.95
C LEU A 11 8.99 -5.51 0.17
N SER A 12 8.72 -5.60 -1.12
CA SER A 12 8.79 -4.43 -1.98
C SER A 12 7.44 -3.71 -2.00
N GLY A 13 6.61 -4.06 -1.04
CA GLY A 13 5.29 -3.46 -0.94
C GLY A 13 5.24 -2.43 0.19
N ALA A 14 5.60 -2.88 1.38
CA ALA A 14 5.61 -2.00 2.54
C ALA A 14 4.20 -1.93 3.14
N GLN A 15 3.30 -1.36 2.36
CA GLN A 15 1.92 -1.22 2.79
C GLN A 15 0.97 -1.76 1.72
N TYR A 16 -0.11 -1.02 1.51
CA TYR A 16 -1.11 -1.42 0.52
C TYR A 16 -1.54 -0.21 -0.32
N GLN A 17 -0.83 -0.02 -1.42
CA GLN A 17 -1.13 1.09 -2.32
C GLN A 17 -1.18 2.40 -1.54
N GLN A 18 -0.60 2.37 -0.35
CA GLN A 18 -0.57 3.55 0.50
C GLN A 18 0.46 4.56 -0.04
N HIS A 19 1.10 4.18 -1.12
CA HIS A 19 2.11 5.03 -1.74
C HIS A 19 2.99 5.63 -0.64
N GLY A 20 3.77 6.63 -1.06
CA GLY A 20 4.67 7.30 -0.12
C GLY A 20 6.04 7.51 -0.75
N ARG A 21 6.29 6.78 -1.83
CA ARG A 21 7.56 6.88 -2.54
C ARG A 21 8.72 6.62 -1.58
N ALA A 22 9.18 5.39 -1.56
CA ALA A 22 10.28 5.01 -0.70
C ALA A 22 9.91 5.31 0.76
N LEU A 23 10.65 4.69 1.66
CA LEU A 23 10.41 4.87 3.08
C LEU A 23 8.90 4.90 3.34
N PHE A 1 4.08 -12.27 12.93
CA PHE A 1 3.68 -11.75 11.63
C PHE A 1 4.91 -11.45 10.76
N ASN A 2 5.76 -10.58 11.28
CA ASN A 2 6.96 -10.20 10.57
C ASN A 2 6.64 -10.01 9.08
N ALA A 3 5.77 -9.05 8.81
CA ALA A 3 5.37 -8.77 7.43
C ALA A 3 4.46 -7.55 7.43
N PRO A 4 5.10 -6.35 7.32
CA PRO A 4 4.35 -5.10 7.29
C PRO A 4 3.67 -4.90 5.94
N PHE A 5 2.84 -5.87 5.58
CA PHE A 5 2.13 -5.80 4.31
C PHE A 5 0.63 -5.65 4.54
N ASP A 6 -0.10 -5.52 3.44
CA ASP A 6 -1.53 -5.36 3.50
C ASP A 6 -2.21 -6.63 2.96
N VAL A 7 -2.38 -7.60 3.85
CA VAL A 7 -3.00 -8.85 3.48
C VAL A 7 -4.16 -9.14 4.44
N GLY A 8 -5.31 -8.56 4.12
CA GLY A 8 -6.49 -8.76 4.95
C GLY A 8 -6.81 -7.49 5.75
N ILE A 9 -6.63 -6.35 5.11
CA ILE A 9 -6.88 -5.08 5.74
C ILE A 9 -8.02 -4.36 5.01
N LYS A 10 -9.21 -4.44 5.61
CA LYS A 10 -10.38 -3.82 5.03
C LYS A 10 -10.21 -2.30 5.05
N LEU A 11 -11.32 -1.61 4.86
CA LEU A 11 -11.30 -0.15 4.86
C LEU A 11 -10.29 0.35 5.89
N SER A 12 -9.10 0.67 5.39
CA SER A 12 -8.05 1.16 6.26
C SER A 12 -6.71 1.13 5.52
N GLY A 13 -6.61 0.20 4.59
CA GLY A 13 -5.39 0.04 3.80
C GLY A 13 -5.47 0.85 2.51
N ALA A 14 -6.49 0.55 1.72
CA ALA A 14 -6.70 1.24 0.46
C ALA A 14 -5.85 0.56 -0.62
N GLN A 15 -4.54 0.68 -0.45
CA GLN A 15 -3.61 0.09 -1.40
C GLN A 15 -2.57 -0.76 -0.67
N TYR A 16 -1.33 -0.64 -1.11
CA TYR A 16 -0.24 -1.39 -0.51
C TYR A 16 0.98 -0.50 -0.27
N GLN A 17 1.02 0.09 0.91
CA GLN A 17 2.12 0.97 1.27
C GLN A 17 2.32 2.04 0.20
N GLN A 18 1.29 2.21 -0.61
CA GLN A 18 1.35 3.19 -1.68
C GLN A 18 1.20 4.61 -1.11
N HIS A 19 1.06 4.66 0.20
CA HIS A 19 0.91 5.94 0.88
C HIS A 19 2.26 6.66 0.94
N GLY A 20 3.06 6.26 1.94
CA GLY A 20 4.37 6.85 2.11
C GLY A 20 5.34 6.40 1.01
N ARG A 21 5.68 5.11 1.07
CA ARG A 21 6.58 4.53 0.09
C ARG A 21 7.78 5.46 -0.14
N ALA A 22 8.55 5.15 -1.17
CA ALA A 22 9.71 5.95 -1.52
C ALA A 22 10.75 5.81 -0.40
N LEU A 23 11.85 5.15 -0.74
CA LEU A 23 12.92 4.94 0.21
C LEU A 23 14.27 5.12 -0.49
N PHE A 1 2.14 -16.94 -11.36
CA PHE A 1 1.95 -16.14 -10.16
C PHE A 1 0.55 -15.53 -10.13
N ASN A 2 0.12 -15.06 -11.29
CA ASN A 2 -1.20 -14.45 -11.41
C ASN A 2 -1.23 -13.17 -10.58
N ALA A 3 -0.71 -12.10 -11.16
CA ALA A 3 -0.68 -10.82 -10.49
C ALA A 3 -0.22 -11.01 -9.04
N PRO A 4 1.11 -11.12 -8.87
CA PRO A 4 1.68 -11.31 -7.54
C PRO A 4 1.64 -10.01 -6.74
N PHE A 5 0.47 -9.72 -6.19
CA PHE A 5 0.29 -8.52 -5.41
C PHE A 5 -1.18 -8.33 -5.03
N ASP A 6 -1.48 -7.14 -4.53
CA ASP A 6 -2.84 -6.81 -4.12
C ASP A 6 -3.37 -5.69 -5.00
N VAL A 7 -3.69 -6.05 -6.24
CA VAL A 7 -4.22 -5.09 -7.20
C VAL A 7 -5.49 -5.65 -7.83
N GLY A 8 -6.41 -6.07 -6.98
CA GLY A 8 -7.67 -6.62 -7.44
C GLY A 8 -7.78 -8.11 -7.08
N ILE A 9 -7.03 -8.50 -6.05
CA ILE A 9 -7.03 -9.88 -5.61
C ILE A 9 -6.90 -9.90 -4.08
N LYS A 10 -7.20 -11.07 -3.52
CA LYS A 10 -7.12 -11.24 -2.08
C LYS A 10 -7.69 -10.00 -1.38
N LEU A 11 -7.06 -9.64 -0.27
CA LEU A 11 -7.49 -8.48 0.49
C LEU A 11 -7.88 -7.35 -0.47
N SER A 12 -7.22 -7.35 -1.62
CA SER A 12 -7.48 -6.34 -2.63
C SER A 12 -6.57 -5.13 -2.41
N GLY A 13 -6.10 -5.01 -1.18
CA GLY A 13 -5.22 -3.91 -0.81
C GLY A 13 -5.58 -2.64 -1.60
N ALA A 14 -6.45 -1.84 -0.99
CA ALA A 14 -6.90 -0.62 -1.63
C ALA A 14 -5.71 0.04 -2.33
N GLN A 15 -4.85 0.66 -1.53
CA GLN A 15 -3.67 1.33 -2.07
C GLN A 15 -2.52 0.34 -2.22
N TYR A 16 -1.37 0.74 -1.71
CA TYR A 16 -0.19 -0.11 -1.78
C TYR A 16 0.59 -0.09 -0.47
N GLN A 17 0.25 -1.02 0.40
CA GLN A 17 0.91 -1.11 1.69
C GLN A 17 0.89 0.24 2.40
N GLN A 18 -0.01 1.10 1.94
CA GLN A 18 -0.14 2.43 2.51
C GLN A 18 1.24 3.01 2.81
N HIS A 19 2.09 3.00 1.80
CA HIS A 19 3.45 3.53 1.95
C HIS A 19 3.50 4.96 1.41
N GLY A 20 3.78 5.06 0.12
CA GLY A 20 3.87 6.35 -0.53
C GLY A 20 4.96 6.35 -1.60
N ARG A 21 6.13 5.89 -1.22
CA ARG A 21 7.26 5.83 -2.13
C ARG A 21 8.58 5.84 -1.35
N ALA A 22 9.53 5.07 -1.85
CA ALA A 22 10.83 4.98 -1.21
C ALA A 22 11.30 6.38 -0.80
N LEU A 23 11.39 6.58 0.50
CA LEU A 23 11.81 7.86 1.03
C LEU A 23 13.23 8.16 0.54
N PHE A 1 11.21 -13.34 3.19
CA PHE A 1 11.13 -12.53 1.98
C PHE A 1 10.00 -11.49 2.11
N ASN A 2 10.20 -10.36 1.45
CA ASN A 2 9.23 -9.29 1.46
C ASN A 2 8.24 -9.49 0.31
N ALA A 3 7.22 -10.29 0.58
CA ALA A 3 6.20 -10.57 -0.43
C ALA A 3 5.22 -9.40 -0.48
N PRO A 4 5.21 -8.69 -1.64
CA PRO A 4 4.31 -7.57 -1.83
C PRO A 4 2.89 -8.03 -2.07
N PHE A 5 1.96 -7.39 -1.38
CA PHE A 5 0.55 -7.72 -1.51
C PHE A 5 -0.23 -6.58 -2.17
N ASP A 6 -0.39 -6.69 -3.48
CA ASP A 6 -1.11 -5.67 -4.23
C ASP A 6 -0.61 -5.67 -5.68
N VAL A 7 0.60 -6.17 -5.85
CA VAL A 7 1.20 -6.24 -7.17
C VAL A 7 0.46 -7.27 -8.02
N GLY A 8 -0.84 -7.08 -8.14
CA GLY A 8 -1.66 -7.99 -8.91
C GLY A 8 -3.10 -8.03 -8.37
N ILE A 9 -3.62 -6.85 -8.09
CA ILE A 9 -4.97 -6.73 -7.58
C ILE A 9 -5.70 -5.59 -8.29
N LYS A 10 -6.60 -5.97 -9.18
CA LYS A 10 -7.37 -4.99 -9.93
C LYS A 10 -8.73 -4.77 -9.26
N LEU A 11 -9.36 -3.67 -9.62
CA LEU A 11 -10.65 -3.34 -9.05
C LEU A 11 -10.66 -3.67 -7.56
N SER A 12 -9.56 -3.31 -6.90
CA SER A 12 -9.43 -3.57 -5.48
C SER A 12 -9.32 -2.24 -4.71
N GLY A 13 -10.40 -1.92 -4.01
CA GLY A 13 -10.45 -0.70 -3.24
C GLY A 13 -9.39 -0.71 -2.12
N ALA A 14 -8.15 -0.50 -2.53
CA ALA A 14 -7.05 -0.49 -1.58
C ALA A 14 -5.73 -0.65 -2.34
N GLN A 15 -4.86 0.34 -2.17
CA GLN A 15 -3.56 0.32 -2.82
C GLN A 15 -2.68 -0.78 -2.21
N TYR A 16 -1.57 -0.34 -1.63
CA TYR A 16 -0.65 -1.25 -1.01
C TYR A 16 -0.01 -0.64 0.24
N GLN A 17 -0.62 -0.93 1.38
CA GLN A 17 -0.13 -0.42 2.65
C GLN A 17 0.12 1.09 2.54
N GLN A 18 -0.52 1.70 1.56
CA GLN A 18 -0.37 3.13 1.34
C GLN A 18 1.08 3.56 1.56
N HIS A 19 1.97 2.95 0.79
CA HIS A 19 3.37 3.26 0.88
C HIS A 19 3.57 4.76 1.08
N GLY A 20 3.52 5.48 -0.03
CA GLY A 20 3.69 6.92 0.01
C GLY A 20 5.13 7.30 0.39
N ARG A 21 6.07 6.73 -0.34
CA ARG A 21 7.48 7.00 -0.10
C ARG A 21 8.35 6.00 -0.86
N ALA A 22 9.64 6.31 -0.91
CA ALA A 22 10.58 5.45 -1.61
C ALA A 22 11.89 5.41 -0.82
N LEU A 23 12.47 6.58 -0.61
CA LEU A 23 13.72 6.68 0.13
C LEU A 23 14.67 5.60 -0.36
N PHE A 1 3.80 -12.89 1.26
CA PHE A 1 4.18 -12.78 2.65
C PHE A 1 5.35 -11.82 2.83
N ASN A 2 5.01 -10.55 3.00
CA ASN A 2 6.03 -9.52 3.17
C ASN A 2 5.39 -8.28 3.81
N ALA A 3 5.91 -7.93 4.97
CA ALA A 3 5.40 -6.77 5.70
C ALA A 3 5.99 -5.49 5.08
N PRO A 4 7.34 -5.46 5.02
CA PRO A 4 8.04 -4.32 4.46
C PRO A 4 7.93 -4.30 2.93
N PHE A 5 7.52 -5.44 2.39
CA PHE A 5 7.38 -5.58 0.95
C PHE A 5 5.92 -5.83 0.57
N ASP A 6 5.58 -5.43 -0.65
CA ASP A 6 4.23 -5.61 -1.15
C ASP A 6 4.25 -6.63 -2.30
N VAL A 7 5.44 -6.85 -2.82
CA VAL A 7 5.61 -7.79 -3.92
C VAL A 7 4.45 -7.63 -4.91
N GLY A 8 4.40 -6.45 -5.53
CA GLY A 8 3.35 -6.16 -6.49
C GLY A 8 3.03 -4.67 -6.51
N ILE A 9 4.09 -3.87 -6.54
CA ILE A 9 3.94 -2.43 -6.57
C ILE A 9 4.09 -1.93 -8.01
N LYS A 10 2.99 -1.41 -8.53
CA LYS A 10 2.98 -0.90 -9.90
C LYS A 10 1.73 -0.03 -10.10
N LEU A 11 1.83 1.20 -9.61
CA LEU A 11 0.72 2.14 -9.73
C LEU A 11 -0.31 1.85 -8.64
N SER A 12 -0.02 2.35 -7.44
CA SER A 12 -0.90 2.16 -6.31
C SER A 12 -0.98 3.44 -5.48
N GLY A 13 -2.08 4.15 -5.65
CA GLY A 13 -2.29 5.39 -4.92
C GLY A 13 -2.96 5.13 -3.57
N ALA A 14 -2.15 4.65 -2.63
CA ALA A 14 -2.63 4.36 -1.30
C ALA A 14 -3.65 3.22 -1.38
N GLN A 15 -3.26 2.08 -0.83
CA GLN A 15 -4.12 0.91 -0.83
C GLN A 15 -3.61 -0.12 0.17
N TYR A 16 -2.30 -0.33 0.15
CA TYR A 16 -1.68 -1.28 1.05
C TYR A 16 -0.43 -0.70 1.69
N GLN A 17 0.37 -0.04 0.87
CA GLN A 17 1.60 0.58 1.33
C GLN A 17 1.83 1.92 0.64
N GLN A 18 0.77 2.41 0.01
CA GLN A 18 0.85 3.68 -0.70
C GLN A 18 2.18 3.82 -1.41
N HIS A 19 2.44 2.88 -2.31
CA HIS A 19 3.69 2.89 -3.06
C HIS A 19 4.86 2.68 -2.12
N GLY A 20 5.22 3.75 -1.42
CA GLY A 20 6.33 3.69 -0.48
C GLY A 20 6.76 5.10 -0.05
N ARG A 21 5.85 5.77 0.65
CA ARG A 21 6.13 7.12 1.11
C ARG A 21 7.60 7.26 1.48
N ALA A 22 8.30 8.09 0.70
CA ALA A 22 9.72 8.32 0.94
C ALA A 22 10.42 6.98 1.15
N LEU A 23 10.94 6.45 0.05
CA LEU A 23 11.65 5.19 0.10
C LEU A 23 12.62 5.18 1.28
N PHE A 1 11.76 -9.88 1.29
CA PHE A 1 10.69 -9.51 2.20
C PHE A 1 9.33 -9.94 1.66
N ASN A 2 8.60 -10.65 2.50
CA ASN A 2 7.28 -11.13 2.12
C ASN A 2 6.44 -9.96 1.63
N ALA A 3 6.56 -8.85 2.35
CA ALA A 3 5.82 -7.64 2.01
C ALA A 3 5.94 -6.63 3.14
N PRO A 4 5.67 -5.34 2.80
CA PRO A 4 5.74 -4.28 3.78
C PRO A 4 4.53 -4.32 4.72
N PHE A 5 3.47 -4.94 4.24
CA PHE A 5 2.26 -5.06 5.03
C PHE A 5 1.88 -3.71 5.66
N ASP A 6 1.01 -2.99 4.97
CA ASP A 6 0.56 -1.70 5.45
C ASP A 6 -0.96 -1.60 5.32
N VAL A 7 -1.65 -2.17 6.29
CA VAL A 7 -3.10 -2.16 6.29
C VAL A 7 -3.61 -1.83 7.70
N GLY A 8 -3.17 -0.68 8.20
CA GLY A 8 -3.57 -0.25 9.53
C GLY A 8 -2.58 0.79 10.09
N ILE A 9 -2.29 1.78 9.26
CA ILE A 9 -1.38 2.83 9.66
C ILE A 9 -1.97 4.19 9.27
N LYS A 10 -3.16 4.46 9.78
CA LYS A 10 -3.84 5.70 9.49
C LYS A 10 -3.70 6.02 8.01
N LEU A 11 -4.00 7.27 7.67
CA LEU A 11 -3.92 7.72 6.28
C LEU A 11 -2.46 8.08 5.96
N SER A 12 -1.59 7.12 6.22
CA SER A 12 -0.18 7.32 5.95
C SER A 12 0.22 6.63 4.64
N GLY A 13 -0.72 5.87 4.11
CA GLY A 13 -0.49 5.16 2.86
C GLY A 13 -1.33 5.75 1.73
N ALA A 14 -1.90 4.85 0.94
CA ALA A 14 -2.74 5.26 -0.17
C ALA A 14 -4.03 4.43 -0.18
N GLN A 15 -3.85 3.12 -0.03
CA GLN A 15 -4.98 2.21 -0.02
C GLN A 15 -4.54 0.84 0.50
N TYR A 16 -3.36 0.43 0.05
CA TYR A 16 -2.83 -0.87 0.44
C TYR A 16 -1.31 -0.81 0.59
N GLN A 17 -0.64 -1.82 0.07
CA GLN A 17 0.81 -1.89 0.14
C GLN A 17 1.43 -0.68 -0.54
N GLN A 18 0.58 0.11 -1.17
CA GLN A 18 1.02 1.31 -1.87
C GLN A 18 1.26 2.44 -0.87
N HIS A 19 2.19 2.21 0.03
CA HIS A 19 2.53 3.20 1.04
C HIS A 19 3.02 4.48 0.37
N GLY A 20 4.18 4.36 -0.27
CA GLY A 20 4.78 5.50 -0.95
C GLY A 20 6.28 5.28 -1.19
N ARG A 21 7.00 5.17 -0.09
CA ARG A 21 8.44 4.97 -0.16
C ARG A 21 9.12 6.15 -0.84
N ALA A 22 9.87 6.89 -0.04
CA ALA A 22 10.58 8.05 -0.56
C ALA A 22 11.52 8.60 0.52
N LEU A 23 12.77 8.17 0.45
CA LEU A 23 13.76 8.60 1.41
C LEU A 23 14.85 9.41 0.68
N PHE A 1 3.61 -0.88 -9.93
CA PHE A 1 4.13 -2.14 -10.47
C PHE A 1 3.12 -2.78 -11.42
N ASN A 2 1.85 -2.68 -11.03
CA ASN A 2 0.78 -3.25 -11.83
C ASN A 2 -0.25 -2.16 -12.15
N ALA A 3 -0.58 -1.39 -11.12
CA ALA A 3 -1.55 -0.31 -11.28
C ALA A 3 -1.40 0.67 -10.11
N PRO A 4 -0.45 1.63 -10.28
CA PRO A 4 -0.21 2.62 -9.26
C PRO A 4 -1.32 3.68 -9.24
N PHE A 5 -2.09 3.65 -8.17
CA PHE A 5 -3.20 4.60 -8.01
C PHE A 5 -3.74 4.56 -6.59
N ASP A 6 -2.83 4.65 -5.63
CA ASP A 6 -3.22 4.65 -4.23
C ASP A 6 -2.57 5.84 -3.52
N VAL A 7 -3.02 7.02 -3.91
CA VAL A 7 -2.51 8.25 -3.33
C VAL A 7 -3.67 9.10 -2.82
N GLY A 8 -4.20 8.70 -1.68
CA GLY A 8 -5.32 9.41 -1.07
C GLY A 8 -6.40 8.43 -0.59
N ILE A 9 -5.94 7.39 0.10
CA ILE A 9 -6.84 6.38 0.61
C ILE A 9 -6.26 5.78 1.89
N LYS A 10 -6.97 5.99 2.99
CA LYS A 10 -6.53 5.48 4.28
C LYS A 10 -6.67 3.95 4.29
N LEU A 11 -5.94 3.32 3.37
CA LEU A 11 -5.97 1.87 3.27
C LEU A 11 -7.41 1.38 3.46
N SER A 12 -8.14 1.34 2.35
CA SER A 12 -9.52 0.89 2.39
C SER A 12 -9.90 0.28 1.04
N GLY A 13 -9.80 1.09 0.00
CA GLY A 13 -10.13 0.64 -1.34
C GLY A 13 -9.13 1.18 -2.36
N ALA A 14 -7.95 0.58 -2.36
CA ALA A 14 -6.89 0.99 -3.28
C ALA A 14 -5.89 -0.15 -3.43
N GLN A 15 -5.04 -0.29 -2.43
CA GLN A 15 -4.03 -1.34 -2.44
C GLN A 15 -3.57 -1.65 -1.01
N TYR A 16 -2.48 -1.02 -0.63
CA TYR A 16 -1.92 -1.22 0.70
C TYR A 16 -0.58 -0.50 0.85
N GLN A 17 0.14 -0.40 -0.25
CA GLN A 17 1.42 0.26 -0.25
C GLN A 17 1.24 1.78 -0.16
N GLN A 18 -0.02 2.19 -0.09
CA GLN A 18 -0.34 3.60 0.01
C GLN A 18 0.22 4.20 1.29
N HIS A 19 1.53 4.42 1.27
CA HIS A 19 2.21 5.00 2.42
C HIS A 19 3.05 6.20 1.98
N GLY A 20 4.25 5.89 1.52
CA GLY A 20 5.16 6.92 1.06
C GLY A 20 6.58 6.37 0.87
N ARG A 21 6.70 5.47 -0.08
CA ARG A 21 7.98 4.86 -0.38
C ARG A 21 9.11 5.87 -0.18
N ALA A 22 10.06 5.49 0.67
CA ALA A 22 11.20 6.34 0.96
C ALA A 22 11.68 7.01 -0.34
N LEU A 23 11.98 6.16 -1.31
CA LEU A 23 12.45 6.65 -2.60
C LEU A 23 11.28 6.72 -3.58
N PHE A 1 -0.31 8.47 -18.52
CA PHE A 1 -0.41 7.89 -17.20
C PHE A 1 -0.93 8.91 -16.18
N ASN A 2 -0.25 10.05 -16.13
CA ASN A 2 -0.63 11.10 -15.22
C ASN A 2 -0.13 10.77 -13.81
N ALA A 3 -0.55 9.60 -13.34
CA ALA A 3 -0.15 9.15 -12.01
C ALA A 3 0.36 7.71 -12.10
N PRO A 4 1.62 7.57 -12.58
CA PRO A 4 2.23 6.25 -12.72
C PRO A 4 2.64 5.69 -11.35
N PHE A 5 2.72 6.59 -10.38
CA PHE A 5 3.10 6.20 -9.03
C PHE A 5 2.08 6.70 -8.01
N ASP A 6 2.23 6.22 -6.78
CA ASP A 6 1.34 6.62 -5.71
C ASP A 6 2.11 7.43 -4.67
N VAL A 7 1.71 8.69 -4.52
CA VAL A 7 2.36 9.58 -3.58
C VAL A 7 1.39 10.68 -3.18
N GLY A 8 0.15 10.29 -2.98
CA GLY A 8 -0.90 11.24 -2.59
C GLY A 8 -2.12 10.51 -2.04
N ILE A 9 -1.87 9.64 -1.07
CA ILE A 9 -2.94 8.88 -0.45
C ILE A 9 -2.65 8.73 1.05
N LYS A 10 -3.17 9.67 1.82
CA LYS A 10 -2.98 9.65 3.26
C LYS A 10 -4.30 9.30 3.95
N LEU A 11 -5.18 8.67 3.18
CA LEU A 11 -6.47 8.27 3.69
C LEU A 11 -7.26 7.56 2.59
N SER A 12 -6.98 6.28 2.45
CA SER A 12 -7.64 5.47 1.43
C SER A 12 -6.82 4.22 1.13
N GLY A 13 -5.53 4.33 1.37
CA GLY A 13 -4.62 3.23 1.12
C GLY A 13 -5.01 2.00 1.96
N ALA A 14 -4.03 1.47 2.67
CA ALA A 14 -4.26 0.31 3.51
C ALA A 14 -4.46 -0.92 2.63
N GLN A 15 -4.15 -0.75 1.35
CA GLN A 15 -4.30 -1.83 0.39
C GLN A 15 -2.96 -2.13 -0.29
N TYR A 16 -2.22 -1.07 -0.54
CA TYR A 16 -0.92 -1.19 -1.19
C TYR A 16 0.14 -0.36 -0.46
N GLN A 17 0.90 0.39 -1.25
CA GLN A 17 1.95 1.23 -0.70
C GLN A 17 1.33 2.36 0.14
N GLN A 18 0.01 2.38 0.17
CA GLN A 18 -0.71 3.39 0.93
C GLN A 18 -0.24 4.79 0.51
N HIS A 19 0.85 5.23 1.14
CA HIS A 19 1.40 6.54 0.85
C HIS A 19 2.22 6.47 -0.44
N GLY A 20 3.51 6.21 -0.27
CA GLY A 20 4.41 6.13 -1.41
C GLY A 20 5.81 5.67 -0.98
N ARG A 21 6.34 6.35 0.03
CA ARG A 21 7.65 6.02 0.55
C ARG A 21 8.69 6.08 -0.57
N ALA A 22 9.95 6.13 -0.17
CA ALA A 22 11.04 6.19 -1.12
C ALA A 22 12.16 5.25 -0.66
N LEU A 23 12.55 5.42 0.60
CA LEU A 23 13.61 4.61 1.17
C LEU A 23 13.33 3.14 0.89
N PHE A 1 -1.70 4.13 -11.48
CA PHE A 1 -1.89 5.49 -10.97
C PHE A 1 -3.36 5.88 -11.00
N ASN A 2 -4.19 4.94 -10.57
CA ASN A 2 -5.63 5.18 -10.52
C ASN A 2 -6.35 3.89 -10.12
N ALA A 3 -6.55 3.75 -8.82
CA ALA A 3 -7.22 2.57 -8.29
C ALA A 3 -7.05 2.54 -6.76
N PRO A 4 -5.76 2.60 -6.34
CA PRO A 4 -5.45 2.57 -4.91
C PRO A 4 -5.78 3.91 -4.25
N PHE A 5 -5.69 4.97 -5.06
CA PHE A 5 -5.97 6.31 -4.57
C PHE A 5 -5.45 6.50 -3.15
N ASP A 6 -4.22 7.00 -3.07
CA ASP A 6 -3.58 7.22 -1.78
C ASP A 6 -3.60 8.72 -1.48
N VAL A 7 -3.88 9.50 -2.51
CA VAL A 7 -3.94 10.95 -2.36
C VAL A 7 -5.33 11.36 -1.88
N GLY A 8 -6.15 10.35 -1.60
CA GLY A 8 -7.50 10.60 -1.13
C GLY A 8 -8.01 9.43 -0.29
N ILE A 9 -7.13 8.95 0.58
CA ILE A 9 -7.49 7.84 1.45
C ILE A 9 -8.72 8.21 2.28
N LYS A 10 -8.90 7.48 3.37
CA LYS A 10 -10.03 7.72 4.25
C LYS A 10 -11.27 7.01 3.68
N LEU A 11 -11.45 5.77 4.11
CA LEU A 11 -12.57 4.98 3.67
C LEU A 11 -12.31 4.47 2.25
N SER A 12 -11.03 4.44 1.90
CA SER A 12 -10.63 3.98 0.59
C SER A 12 -9.11 3.79 0.54
N GLY A 13 -8.57 3.28 1.64
CA GLY A 13 -7.14 3.05 1.74
C GLY A 13 -6.81 1.57 1.50
N ALA A 14 -6.63 1.25 0.22
CA ALA A 14 -6.31 -0.12 -0.16
C ALA A 14 -5.08 -0.58 0.62
N GLN A 15 -3.94 -0.58 -0.06
CA GLN A 15 -2.70 -1.01 0.55
C GLN A 15 -1.54 -0.91 -0.45
N TYR A 16 -0.34 -1.08 0.07
CA TYR A 16 0.84 -1.02 -0.78
C TYR A 16 1.20 0.44 -1.11
N GLN A 17 0.19 1.18 -1.52
CA GLN A 17 0.37 2.58 -1.87
C GLN A 17 0.25 3.46 -0.63
N GLN A 18 0.03 2.80 0.50
CA GLN A 18 -0.10 3.52 1.76
C GLN A 18 1.27 3.99 2.26
N HIS A 19 2.29 3.68 1.46
CA HIS A 19 3.64 4.07 1.81
C HIS A 19 3.90 5.51 1.35
N GLY A 20 4.02 5.67 0.04
CA GLY A 20 4.27 6.98 -0.54
C GLY A 20 5.26 6.89 -1.70
N ARG A 21 6.34 6.18 -1.45
CA ARG A 21 7.37 6.00 -2.46
C ARG A 21 8.72 5.72 -1.81
N ALA A 22 9.04 4.43 -1.72
CA ALA A 22 10.30 4.01 -1.12
C ALA A 22 10.25 4.28 0.38
N LEU A 23 10.18 5.55 0.73
CA LEU A 23 10.13 5.95 2.13
C LEU A 23 9.03 5.17 2.83
N PHE A 1 6.57 -0.38 -17.65
CA PHE A 1 7.11 0.95 -17.89
C PHE A 1 8.36 1.20 -17.07
N ASN A 2 8.22 1.03 -15.76
CA ASN A 2 9.34 1.24 -14.86
C ASN A 2 8.81 1.49 -13.44
N ALA A 3 8.76 0.42 -12.66
CA ALA A 3 8.28 0.51 -11.30
C ALA A 3 6.81 0.93 -11.31
N PRO A 4 5.91 -0.09 -11.42
CA PRO A 4 4.49 0.16 -11.45
C PRO A 4 3.97 0.51 -10.04
N PHE A 5 3.28 1.64 -9.96
CA PHE A 5 2.72 2.09 -8.70
C PHE A 5 1.22 1.81 -8.62
N ASP A 6 0.63 2.21 -7.51
CA ASP A 6 -0.79 2.01 -7.30
C ASP A 6 -1.39 3.26 -6.66
N VAL A 7 -1.56 4.28 -7.49
CA VAL A 7 -2.12 5.53 -7.01
C VAL A 7 -3.23 5.99 -7.98
N GLY A 8 -4.25 5.16 -8.08
CA GLY A 8 -5.38 5.46 -8.95
C GLY A 8 -5.25 4.72 -10.29
N ILE A 9 -4.00 4.43 -10.65
CA ILE A 9 -3.73 3.74 -11.89
C ILE A 9 -4.76 2.63 -12.08
N LYS A 10 -5.70 2.88 -12.98
CA LYS A 10 -6.74 1.92 -13.28
C LYS A 10 -7.30 1.37 -11.97
N LEU A 11 -8.06 0.29 -12.10
CA LEU A 11 -8.66 -0.35 -10.93
C LEU A 11 -7.57 -1.09 -10.16
N SER A 12 -6.57 -0.34 -9.72
CA SER A 12 -5.48 -0.92 -8.96
C SER A 12 -5.66 -0.63 -7.48
N GLY A 13 -6.68 0.14 -7.17
CA GLY A 13 -6.97 0.50 -5.79
C GLY A 13 -6.70 -0.67 -4.86
N ALA A 14 -5.47 -0.72 -4.35
CA ALA A 14 -5.07 -1.77 -3.44
C ALA A 14 -4.91 -1.20 -2.03
N GLN A 15 -3.73 -1.40 -1.48
CA GLN A 15 -3.43 -0.91 -0.14
C GLN A 15 -1.99 -1.26 0.24
N TYR A 16 -1.55 -0.65 1.33
CA TYR A 16 -0.18 -0.87 1.81
C TYR A 16 0.83 -0.09 0.97
N GLN A 17 0.67 -0.20 -0.35
CA GLN A 17 1.56 0.49 -1.25
C GLN A 17 1.08 1.93 -1.50
N GLN A 18 -0.02 2.26 -0.83
CA GLN A 18 -0.60 3.59 -0.97
C GLN A 18 0.24 4.61 -0.19
N HIS A 19 1.30 4.11 0.43
CA HIS A 19 2.17 4.96 1.21
C HIS A 19 2.50 6.23 0.42
N GLY A 20 3.36 6.06 -0.58
CA GLY A 20 3.77 7.17 -1.42
C GLY A 20 5.07 6.86 -2.16
N ARG A 21 6.14 6.75 -1.38
CA ARG A 21 7.44 6.46 -1.94
C ARG A 21 8.55 6.92 -0.99
N ALA A 22 9.21 5.94 -0.38
CA ALA A 22 10.29 6.24 0.54
C ALA A 22 11.03 4.95 0.88
N LEU A 23 12.29 5.11 1.28
CA LEU A 23 13.12 3.97 1.63
C LEU A 23 13.69 4.18 3.04
N PHE A 1 3.68 -18.86 -0.10
CA PHE A 1 4.01 -18.94 -1.51
C PHE A 1 3.10 -18.02 -2.33
N ASN A 2 3.58 -16.81 -2.55
CA ASN A 2 2.83 -15.83 -3.33
C ASN A 2 3.78 -14.74 -3.83
N ALA A 3 4.57 -14.22 -2.91
CA ALA A 3 5.52 -13.18 -3.25
C ALA A 3 5.15 -11.89 -2.53
N PRO A 4 3.87 -11.48 -2.71
CA PRO A 4 3.37 -10.26 -2.08
C PRO A 4 3.11 -10.49 -0.59
N PHE A 5 4.08 -10.08 0.22
CA PHE A 5 3.98 -10.24 1.66
C PHE A 5 3.27 -9.03 2.29
N ASP A 6 2.64 -8.25 1.43
CA ASP A 6 1.93 -7.06 1.89
C ASP A 6 0.43 -7.22 1.57
N VAL A 7 -0.33 -6.20 1.95
CA VAL A 7 -1.76 -6.22 1.71
C VAL A 7 -2.33 -7.56 2.15
N GLY A 8 -1.69 -8.14 3.17
CA GLY A 8 -2.12 -9.42 3.69
C GLY A 8 -1.25 -9.85 4.88
N ILE A 9 -0.88 -8.85 5.67
CA ILE A 9 -0.05 -9.11 6.84
C ILE A 9 -0.54 -8.25 8.01
N LYS A 10 0.34 -8.07 8.98
CA LYS A 10 0.00 -7.28 10.16
C LYS A 10 -0.38 -5.86 9.71
N LEU A 11 -1.60 -5.47 10.07
CA LEU A 11 -2.09 -4.15 9.72
C LEU A 11 -1.80 -3.89 8.24
N SER A 12 -2.61 -4.50 7.39
CA SER A 12 -2.46 -4.33 5.96
C SER A 12 -3.82 -4.49 5.26
N GLY A 13 -4.87 -4.30 6.04
CA GLY A 13 -6.22 -4.41 5.52
C GLY A 13 -6.83 -3.03 5.27
N ALA A 14 -6.13 -2.24 4.48
CA ALA A 14 -6.60 -0.90 4.16
C ALA A 14 -6.35 -0.62 2.68
N GLN A 15 -5.12 -0.25 2.37
CA GLN A 15 -4.75 0.05 1.00
C GLN A 15 -3.68 -0.93 0.52
N TYR A 16 -2.73 -0.41 -0.25
CA TYR A 16 -1.66 -1.22 -0.77
C TYR A 16 -0.30 -0.55 -0.57
N GLN A 17 0.31 -0.84 0.57
CA GLN A 17 1.60 -0.27 0.89
C GLN A 17 1.56 1.26 0.77
N GLN A 18 0.33 1.78 0.76
CA GLN A 18 0.14 3.23 0.65
C GLN A 18 0.68 3.73 -0.68
N HIS A 19 2.00 3.73 -0.79
CA HIS A 19 2.65 4.19 -2.01
C HIS A 19 4.14 3.86 -1.95
N GLY A 20 4.86 4.67 -1.19
CA GLY A 20 6.30 4.47 -1.05
C GLY A 20 7.00 5.79 -0.69
N ARG A 21 6.82 6.77 -1.56
CA ARG A 21 7.42 8.07 -1.35
C ARG A 21 8.94 7.99 -1.52
N ALA A 22 9.55 7.21 -0.64
CA ALA A 22 10.99 7.04 -0.67
C ALA A 22 11.41 6.04 0.41
N LEU A 23 11.10 6.38 1.65
CA LEU A 23 11.43 5.54 2.78
C LEU A 23 10.35 4.47 2.95
N PHE A 1 -2.03 -4.18 -15.03
CA PHE A 1 -1.96 -2.74 -14.86
C PHE A 1 -2.29 -2.33 -13.43
N ASN A 2 -1.51 -1.40 -12.91
CA ASN A 2 -1.71 -0.92 -11.56
C ASN A 2 -0.65 0.13 -11.23
N ALA A 3 0.59 -0.20 -11.53
CA ALA A 3 1.70 0.70 -11.27
C ALA A 3 1.76 1.01 -9.78
N PRO A 4 2.99 1.38 -9.32
CA PRO A 4 3.20 1.71 -7.92
C PRO A 4 2.62 3.09 -7.59
N PHE A 5 1.30 3.15 -7.53
CA PHE A 5 0.62 4.39 -7.23
C PHE A 5 -0.57 4.15 -6.31
N ASP A 6 -1.28 5.23 -6.01
CA ASP A 6 -2.45 5.15 -5.15
C ASP A 6 -2.69 6.52 -4.51
N VAL A 7 -1.63 7.30 -4.42
CA VAL A 7 -1.71 8.63 -3.84
C VAL A 7 -2.32 9.59 -4.86
N GLY A 8 -2.63 9.05 -6.03
CA GLY A 8 -3.21 9.85 -7.09
C GLY A 8 -4.62 9.36 -7.43
N ILE A 9 -5.04 8.31 -6.75
CA ILE A 9 -6.35 7.74 -6.97
C ILE A 9 -7.31 8.23 -5.88
N LYS A 10 -7.44 9.55 -5.80
CA LYS A 10 -8.32 10.16 -4.81
C LYS A 10 -9.63 9.38 -4.76
N LEU A 11 -10.08 9.12 -3.53
CA LEU A 11 -11.32 8.39 -3.33
C LEU A 11 -11.15 6.95 -3.82
N SER A 12 -10.77 6.08 -2.89
CA SER A 12 -10.57 4.68 -3.20
C SER A 12 -10.08 3.92 -1.96
N GLY A 13 -9.28 4.62 -1.16
CA GLY A 13 -8.74 4.03 0.05
C GLY A 13 -8.51 2.53 -0.12
N ALA A 14 -7.31 2.20 -0.56
CA ALA A 14 -6.94 0.81 -0.78
C ALA A 14 -5.94 0.38 0.29
N GLN A 15 -4.81 -0.13 -0.17
CA GLN A 15 -3.76 -0.58 0.73
C GLN A 15 -2.59 -1.16 -0.07
N TYR A 16 -1.47 -1.34 0.64
CA TYR A 16 -0.28 -1.88 0.02
C TYR A 16 0.41 -0.81 -0.85
N GLN A 17 -0.34 0.23 -1.17
CA GLN A 17 0.18 1.31 -1.97
C GLN A 17 0.14 2.63 -1.20
N GLN A 18 -0.34 2.54 0.03
CA GLN A 18 -0.43 3.71 0.89
C GLN A 18 0.93 4.00 1.52
N HIS A 19 1.92 4.17 0.67
CA HIS A 19 3.27 4.46 1.13
C HIS A 19 3.82 5.67 0.40
N GLY A 20 3.83 5.57 -0.93
CA GLY A 20 4.33 6.65 -1.77
C GLY A 20 5.83 6.86 -1.56
N ARG A 21 6.60 5.87 -2.02
CA ARG A 21 8.05 5.94 -1.90
C ARG A 21 8.44 6.02 -0.42
N ALA A 22 9.22 5.03 0.00
CA ALA A 22 9.67 4.97 1.38
C ALA A 22 10.83 5.96 1.56
N LEU A 23 11.94 5.65 0.89
CA LEU A 23 13.11 6.50 0.97
C LEU A 23 13.11 7.50 -0.18
N PHE A 1 -15.96 -0.49 -16.17
CA PHE A 1 -14.86 -0.58 -15.23
C PHE A 1 -13.90 -1.69 -15.61
N ASN A 2 -12.75 -1.71 -14.95
CA ASN A 2 -11.74 -2.71 -15.21
C ASN A 2 -10.53 -2.47 -14.31
N ALA A 3 -10.20 -1.20 -14.16
CA ALA A 3 -9.07 -0.81 -13.32
C ALA A 3 -9.52 0.25 -12.32
N PRO A 4 -9.99 -0.22 -11.14
CA PRO A 4 -10.46 0.67 -10.09
C PRO A 4 -9.27 1.34 -9.39
N PHE A 5 -9.58 1.98 -8.27
CA PHE A 5 -8.55 2.66 -7.50
C PHE A 5 -8.68 2.33 -6.02
N ASP A 6 -7.66 2.70 -5.26
CA ASP A 6 -7.63 2.45 -3.83
C ASP A 6 -7.02 3.65 -3.11
N VAL A 7 -7.04 3.58 -1.79
CA VAL A 7 -6.49 4.65 -0.98
C VAL A 7 -6.94 6.00 -1.54
N GLY A 8 -8.22 6.06 -1.91
CA GLY A 8 -8.78 7.28 -2.47
C GLY A 8 -10.26 7.08 -2.81
N ILE A 9 -10.94 6.32 -1.98
CA ILE A 9 -12.35 6.06 -2.18
C ILE A 9 -13.04 5.92 -0.82
N LYS A 10 -13.05 7.02 -0.08
CA LYS A 10 -13.67 7.04 1.23
C LYS A 10 -12.91 6.09 2.16
N LEU A 11 -13.64 5.52 3.11
CA LEU A 11 -13.05 4.60 4.06
C LEU A 11 -12.63 3.32 3.35
N SER A 12 -11.61 3.45 2.52
CA SER A 12 -11.10 2.32 1.76
C SER A 12 -9.57 2.34 1.75
N GLY A 13 -9.02 3.15 2.63
CA GLY A 13 -7.57 3.27 2.73
C GLY A 13 -6.94 1.95 3.16
N ALA A 14 -6.88 1.02 2.23
CA ALA A 14 -6.31 -0.29 2.51
C ALA A 14 -4.85 -0.11 2.94
N GLN A 15 -3.96 -0.52 2.05
CA GLN A 15 -2.54 -0.42 2.32
C GLN A 15 -1.73 -0.99 1.16
N TYR A 16 -0.42 -0.72 1.19
CA TYR A 16 0.46 -1.19 0.14
C TYR A 16 0.39 -0.28 -1.08
N GLN A 17 -0.83 0.05 -1.46
CA GLN A 17 -1.05 0.90 -2.62
C GLN A 17 -1.07 2.38 -2.19
N GLN A 18 -0.87 2.59 -0.90
CA GLN A 18 -0.86 3.94 -0.35
C GLN A 18 0.50 4.59 -0.58
N HIS A 19 0.95 4.56 -1.83
CA HIS A 19 2.23 5.14 -2.18
C HIS A 19 3.35 4.38 -1.47
N GLY A 20 3.52 4.68 -0.19
CA GLY A 20 4.54 4.05 0.60
C GLY A 20 5.89 4.75 0.42
N ARG A 21 6.03 5.88 1.09
CA ARG A 21 7.26 6.64 1.02
C ARG A 21 8.46 5.71 0.90
N ALA A 22 9.28 5.97 -0.11
CA ALA A 22 10.47 5.17 -0.35
C ALA A 22 11.70 6.07 -0.36
N LEU A 23 12.42 6.05 0.76
CA LEU A 23 13.62 6.85 0.89
C LEU A 23 14.58 6.54 -0.26
N PHE A 1 -2.52 2.46 -18.88
CA PHE A 1 -1.67 3.26 -18.02
C PHE A 1 -2.38 3.58 -16.70
N ASN A 2 -1.60 4.16 -15.79
CA ASN A 2 -2.14 4.52 -14.48
C ASN A 2 -2.14 3.28 -13.57
N ALA A 3 -2.76 2.22 -14.08
CA ALA A 3 -2.84 0.97 -13.34
C ALA A 3 -3.57 1.22 -12.02
N PRO A 4 -4.12 0.11 -11.45
CA PRO A 4 -4.84 0.20 -10.19
C PRO A 4 -3.88 0.38 -9.01
N PHE A 5 -3.28 1.56 -8.95
CA PHE A 5 -2.34 1.87 -7.89
C PHE A 5 -3.01 2.69 -6.78
N ASP A 6 -4.09 2.14 -6.25
CA ASP A 6 -4.83 2.81 -5.20
C ASP A 6 -5.05 4.27 -5.58
N VAL A 7 -5.84 4.47 -6.63
CA VAL A 7 -6.13 5.81 -7.10
C VAL A 7 -7.56 6.19 -6.70
N GLY A 8 -8.03 5.54 -5.65
CA GLY A 8 -9.38 5.79 -5.17
C GLY A 8 -9.68 4.94 -3.93
N ILE A 9 -8.67 4.78 -3.09
CA ILE A 9 -8.82 3.99 -1.88
C ILE A 9 -8.05 4.68 -0.74
N LYS A 10 -8.64 5.76 -0.24
CA LYS A 10 -8.03 6.51 0.85
C LYS A 10 -8.94 6.46 2.07
N LEU A 11 -9.78 5.42 2.10
CA LEU A 11 -10.71 5.25 3.21
C LEU A 11 -11.35 3.87 3.12
N SER A 12 -10.49 2.86 2.96
CA SER A 12 -10.96 1.49 2.85
C SER A 12 -9.94 0.54 3.47
N GLY A 13 -9.33 1.00 4.56
CA GLY A 13 -8.33 0.20 5.24
C GLY A 13 -7.55 -0.67 4.25
N ALA A 14 -6.75 -0.02 3.42
CA ALA A 14 -5.96 -0.72 2.44
C ALA A 14 -4.51 -0.79 2.91
N GLN A 15 -3.77 0.28 2.61
CA GLN A 15 -2.37 0.35 3.00
C GLN A 15 -1.55 -0.67 2.22
N TYR A 16 -0.26 -0.40 2.12
CA TYR A 16 0.65 -1.29 1.42
C TYR A 16 0.58 -1.05 -0.09
N GLN A 17 -0.37 -0.20 -0.48
CA GLN A 17 -0.55 0.12 -1.88
C GLN A 17 -0.43 1.63 -2.10
N GLN A 18 -0.22 2.34 -1.00
CA GLN A 18 -0.09 3.78 -1.06
C GLN A 18 1.28 4.17 -1.62
N HIS A 19 2.06 3.15 -1.94
CA HIS A 19 3.38 3.37 -2.49
C HIS A 19 4.27 4.07 -1.45
N GLY A 20 4.05 5.38 -1.32
CA GLY A 20 4.80 6.16 -0.37
C GLY A 20 6.27 6.29 -0.80
N ARG A 21 6.46 6.93 -1.93
CA ARG A 21 7.80 7.13 -2.47
C ARG A 21 8.80 7.33 -1.33
N ALA A 22 9.63 6.31 -1.13
CA ALA A 22 10.63 6.37 -0.07
C ALA A 22 9.95 6.26 1.29
N LEU A 23 10.42 5.31 2.09
CA LEU A 23 9.86 5.09 3.40
C LEU A 23 8.34 5.12 3.32
N PHE A 1 13.64 -5.53 10.77
CA PHE A 1 13.88 -4.28 11.48
C PHE A 1 14.87 -3.41 10.71
N ASN A 2 14.34 -2.69 9.73
CA ASN A 2 15.16 -1.82 8.92
C ASN A 2 14.26 -0.86 8.13
N ALA A 3 13.21 -1.43 7.56
CA ALA A 3 12.27 -0.65 6.78
C ALA A 3 11.06 -0.30 7.65
N PRO A 4 10.31 0.75 7.21
CA PRO A 4 9.13 1.19 7.94
C PRO A 4 7.96 0.22 7.72
N PHE A 5 8.02 -0.47 6.59
CA PHE A 5 6.97 -1.43 6.25
C PHE A 5 5.60 -0.76 6.26
N ASP A 6 4.63 -1.47 5.71
CA ASP A 6 3.27 -0.97 5.64
C ASP A 6 2.59 -1.16 7.00
N VAL A 7 1.27 -1.02 6.99
CA VAL A 7 0.49 -1.19 8.21
C VAL A 7 1.27 -0.59 9.38
N GLY A 8 2.02 0.46 9.08
CA GLY A 8 2.81 1.14 10.10
C GLY A 8 2.60 2.65 10.04
N ILE A 9 1.40 3.04 9.65
CA ILE A 9 1.06 4.45 9.55
C ILE A 9 -0.35 4.67 10.11
N LYS A 10 -0.39 5.14 11.35
CA LYS A 10 -1.65 5.40 12.01
C LYS A 10 -2.50 6.33 11.14
N LEU A 11 -3.59 6.79 11.71
CA LEU A 11 -4.49 7.69 11.01
C LEU A 11 -3.67 8.69 10.19
N SER A 12 -3.50 8.37 8.93
CA SER A 12 -2.73 9.22 8.04
C SER A 12 -2.43 8.49 6.72
N GLY A 13 -2.30 7.18 6.83
CA GLY A 13 -2.02 6.36 5.68
C GLY A 13 -2.92 5.13 5.64
N ALA A 14 -3.90 5.16 4.75
CA ALA A 14 -4.84 4.06 4.61
C ALA A 14 -4.07 2.75 4.56
N GLN A 15 -3.79 2.29 3.35
CA GLN A 15 -3.06 1.06 3.15
C GLN A 15 -3.44 0.43 1.81
N TYR A 16 -2.44 -0.16 1.16
CA TYR A 16 -2.65 -0.79 -0.12
C TYR A 16 -1.36 -0.79 -0.95
N GLN A 17 -0.25 -1.00 -0.26
CA GLN A 17 1.04 -1.02 -0.91
C GLN A 17 1.42 0.38 -1.39
N GLN A 18 0.61 1.35 -1.00
CA GLN A 18 0.85 2.73 -1.38
C GLN A 18 2.11 3.26 -0.69
N HIS A 19 3.20 2.54 -0.88
CA HIS A 19 4.46 2.92 -0.30
C HIS A 19 4.79 4.37 -0.67
N GLY A 20 4.59 4.68 -1.94
CA GLY A 20 4.86 6.02 -2.45
C GLY A 20 6.31 6.42 -2.18
N ARG A 21 7.19 5.44 -2.25
CA ARG A 21 8.60 5.68 -2.02
C ARG A 21 8.79 6.68 -0.88
N ALA A 22 9.97 7.28 -0.86
CA ALA A 22 10.29 8.26 0.17
C ALA A 22 10.62 7.54 1.47
N LEU A 23 9.58 6.97 2.07
CA LEU A 23 9.74 6.25 3.32
C LEU A 23 9.81 4.75 3.04
#